data_7NLD
#
_entry.id   7NLD
#
_cell.length_a   67.087
_cell.length_b   75.255
_cell.length_c   74.354
_cell.angle_alpha   90.000
_cell.angle_beta   96.290
_cell.angle_gamma   90.000
#
_symmetry.space_group_name_H-M   'P 1 21 1'
#
loop_
_entity.id
_entity.type
_entity.pdbx_description
1 polymer 'Programmed cell death 1 ligand 1'
2 non-polymer "N-(2-((2'-chloro-3'-(2,3-dihydrobenzo[b][1,4]dioxin-6-yl)-3-methoxy-[1,1'-biphenyl]-4-yl)(methyl)amino)ethyl)methanesulfonamide"
3 water water
#
_entity_poly.entity_id   1
_entity_poly.type   'polypeptide(L)'
_entity_poly.pdbx_seq_one_letter_code
;AFTVTVPKDLYVVEYGSNMTIECKFPVEKQLDLAALIVYWEMEDKNIIQFVHGEEDLKVQHSSYRQRARLLKDQLSLGNA
ALQITDVKLQDAGVYRCMISYGGADYKRITVKVNAPYAAALEHHHHHH
;
_entity_poly.pdbx_strand_id   C,A,B,D,E,F
#
# COMPACT_ATOMS: atom_id res chain seq x y z
N ALA A 1 3.64 25.64 21.58
CA ALA A 1 3.56 26.11 20.20
C ALA A 1 2.24 25.69 19.55
N PHE A 2 2.16 25.83 18.23
CA PHE A 2 0.91 25.59 17.51
C PHE A 2 0.58 24.10 17.49
N THR A 3 -0.59 23.74 18.01
CA THR A 3 -1.03 22.35 18.04
C THR A 3 -2.48 22.27 17.60
N VAL A 4 -2.78 21.26 16.79
CA VAL A 4 -4.14 20.87 16.44
C VAL A 4 -4.57 19.81 17.43
N THR A 5 -5.79 19.89 17.93
CA THR A 5 -6.28 18.86 18.84
C THR A 5 -7.58 18.25 18.30
N VAL A 6 -7.85 17.05 18.79
CA VAL A 6 -8.95 16.20 18.33
C VAL A 6 -9.64 15.60 19.55
N PRO A 7 -10.74 16.19 19.99
CA PRO A 7 -11.45 15.65 21.18
C PRO A 7 -11.83 14.21 21.02
N LYS A 8 -12.10 13.80 19.80
CA LYS A 8 -12.59 12.46 19.52
C LYS A 8 -11.80 11.98 18.29
N ASP A 9 -10.94 10.98 18.48
CA ASP A 9 -10.18 10.45 17.35
C ASP A 9 -10.77 9.17 16.82
N LEU A 10 -11.98 8.82 17.25
CA LEU A 10 -12.75 7.71 16.68
C LEU A 10 -14.21 8.11 16.58
N TYR A 11 -14.77 8.06 15.37
CA TYR A 11 -16.19 8.31 15.10
C TYR A 11 -16.84 7.03 14.59
N VAL A 12 -17.79 6.50 15.37
CA VAL A 12 -18.67 5.43 14.96
C VAL A 12 -19.97 6.07 14.43
N VAL A 13 -20.27 5.88 13.13
CA VAL A 13 -21.44 6.49 12.49
C VAL A 13 -22.29 5.43 11.79
N GLU A 14 -23.57 5.73 11.65
CA GLU A 14 -24.52 4.84 10.99
C GLU A 14 -24.51 5.02 9.48
N TYR A 15 -24.68 3.91 8.76
CA TYR A 15 -24.76 4.00 7.31
C TYR A 15 -25.76 5.08 6.93
N GLY A 16 -25.38 5.91 5.94
CA GLY A 16 -26.28 6.91 5.40
C GLY A 16 -26.57 8.08 6.31
N SER A 17 -26.01 8.12 7.51
CA SER A 17 -26.19 9.26 8.38
C SER A 17 -25.24 10.36 7.88
N ASN A 18 -25.19 11.48 8.59
CA ASN A 18 -24.23 12.54 8.32
C ASN A 18 -23.16 12.49 9.39
N MET A 19 -21.95 12.92 9.03
CA MET A 19 -20.94 13.00 10.06
C MET A 19 -20.20 14.30 9.91
N THR A 20 -19.77 14.80 11.06
CA THR A 20 -19.00 16.03 11.19
C THR A 20 -17.85 15.72 12.14
N ILE A 21 -16.63 15.76 11.62
CA ILE A 21 -15.45 15.36 12.38
C ILE A 21 -14.56 16.58 12.57
N GLU A 22 -14.14 16.80 13.80
CA GLU A 22 -13.59 18.08 14.24
C GLU A 22 -12.11 18.00 14.59
N CYS A 23 -11.37 19.03 14.16
CA CYS A 23 -10.01 19.31 14.60
C CYS A 23 -10.04 20.73 15.15
N LYS A 24 -9.78 20.89 16.44
CA LYS A 24 -9.72 22.22 17.01
C LYS A 24 -8.30 22.77 16.91
N PHE A 25 -8.19 24.08 16.78
CA PHE A 25 -6.91 24.76 16.71
C PHE A 25 -7.03 26.11 17.42
N PRO A 26 -5.90 26.66 17.91
CA PRO A 26 -6.00 27.84 18.76
C PRO A 26 -6.32 29.11 17.98
N VAL A 27 -7.13 29.97 18.59
CA VAL A 27 -7.40 31.29 18.06
C VAL A 27 -7.45 32.28 19.22
N GLU A 28 -6.75 33.41 19.09
CA GLU A 28 -6.79 34.47 20.09
C GLU A 28 -7.92 35.46 19.81
N LYS A 29 -7.65 36.38 18.88
CA LYS A 29 -8.62 37.41 18.52
C LYS A 29 -9.44 36.95 17.34
N GLN A 30 -9.54 37.81 16.32
CA GLN A 30 -10.27 37.64 15.05
C GLN A 30 -9.57 36.60 14.21
N LEU A 31 -10.33 35.80 13.50
CA LEU A 31 -9.72 34.80 12.64
C LEU A 31 -9.23 35.49 11.37
N ASP A 32 -7.97 35.24 11.01
CA ASP A 32 -7.37 35.90 9.85
C ASP A 32 -7.35 34.92 8.68
N LEU A 33 -8.46 34.87 7.93
CA LEU A 33 -8.61 33.92 6.83
C LEU A 33 -7.41 33.87 5.89
N ALA A 34 -6.73 34.99 5.68
CA ALA A 34 -5.60 34.99 4.75
C ALA A 34 -4.42 34.20 5.30
N ALA A 35 -4.31 34.08 6.63
CA ALA A 35 -3.24 33.35 7.29
C ALA A 35 -3.54 31.87 7.47
N LEU A 36 -4.69 31.39 7.00
CA LEU A 36 -5.22 30.10 7.40
C LEU A 36 -5.35 29.18 6.21
N ILE A 37 -4.81 27.97 6.38
CA ILE A 37 -5.01 26.86 5.45
C ILE A 37 -5.60 25.71 6.22
N VAL A 38 -6.64 25.10 5.69
CA VAL A 38 -7.16 23.90 6.29
C VAL A 38 -7.36 22.88 5.18
N TYR A 39 -6.81 21.69 5.38
CA TYR A 39 -6.83 20.65 4.36
C TYR A 39 -7.30 19.37 5.00
N TRP A 40 -8.19 18.67 4.33
CA TRP A 40 -8.66 17.40 4.83
C TRP A 40 -8.41 16.34 3.79
N GLU A 41 -8.13 15.15 4.29
CA GLU A 41 -7.69 14.08 3.43
C GLU A 41 -8.14 12.78 4.06
N MET A 42 -8.36 11.78 3.22
CA MET A 42 -8.47 10.41 3.67
C MET A 42 -8.00 9.55 2.52
N GLU A 43 -7.21 8.53 2.83
CA GLU A 43 -6.70 7.60 1.83
C GLU A 43 -6.16 8.34 0.61
N ASP A 44 -5.35 9.38 0.86
CA ASP A 44 -4.68 10.12 -0.20
C ASP A 44 -5.64 10.82 -1.13
N LYS A 45 -6.92 10.96 -0.72
CA LYS A 45 -7.95 11.62 -1.51
C LYS A 45 -8.18 13.01 -0.94
N ASN A 46 -8.03 14.04 -1.78
CA ASN A 46 -8.26 15.41 -1.33
C ASN A 46 -9.76 15.65 -1.14
N ILE A 47 -10.15 16.05 0.08
CA ILE A 47 -11.55 16.27 0.43
C ILE A 47 -11.76 17.79 0.52
N ILE A 48 -11.00 18.44 1.38
CA ILE A 48 -11.09 19.88 1.60
C ILE A 48 -9.72 20.48 1.43
N GLN A 49 -9.65 21.61 0.73
CA GLN A 49 -8.44 22.39 0.59
C GLN A 49 -8.82 23.86 0.70
N PHE A 50 -9.19 24.26 1.91
CA PHE A 50 -9.60 25.62 2.24
C PHE A 50 -8.36 26.45 2.50
N VAL A 51 -7.90 27.25 1.54
CA VAL A 51 -6.69 28.04 1.71
C VAL A 51 -6.99 29.51 1.47
N HIS A 52 -6.56 30.35 2.40
CA HIS A 52 -6.73 31.81 2.32
C HIS A 52 -8.19 32.18 1.99
N GLY A 53 -9.12 31.53 2.69
CA GLY A 53 -10.51 31.94 2.72
C GLY A 53 -11.43 31.29 1.70
N GLU A 54 -10.91 30.53 0.73
CA GLU A 54 -11.76 29.98 -0.33
C GLU A 54 -11.49 28.49 -0.53
N GLU A 55 -12.56 27.71 -0.52
CA GLU A 55 -12.45 26.29 -0.84
C GLU A 55 -12.04 26.10 -2.29
N ASP A 56 -11.20 25.11 -2.53
CA ASP A 56 -10.77 24.81 -3.89
C ASP A 56 -11.46 23.53 -4.34
N LEU A 57 -12.40 23.68 -5.27
CA LEU A 57 -13.21 22.58 -5.76
C LEU A 57 -12.61 21.91 -6.97
N LYS A 58 -11.64 22.55 -7.63
CA LYS A 58 -10.92 21.87 -8.70
C LYS A 58 -10.12 20.70 -8.15
N VAL A 59 -9.42 20.91 -7.02
CA VAL A 59 -8.61 19.84 -6.43
C VAL A 59 -9.44 18.78 -5.71
N GLN A 60 -10.70 19.07 -5.39
CA GLN A 60 -11.46 18.15 -4.56
C GLN A 60 -11.84 16.88 -5.31
N HIS A 61 -11.54 15.75 -4.70
CA HIS A 61 -11.85 14.43 -5.25
C HIS A 61 -13.32 14.33 -5.61
N SER A 62 -13.58 13.63 -6.73
CA SER A 62 -14.92 13.58 -7.30
C SER A 62 -15.92 12.99 -6.32
N SER A 63 -15.51 11.95 -5.57
CA SER A 63 -16.40 11.28 -4.64
C SER A 63 -16.87 12.17 -3.49
N TYR A 64 -16.32 13.38 -3.35
CA TYR A 64 -16.74 14.32 -2.32
C TYR A 64 -17.47 15.52 -2.92
N ARG A 65 -17.61 15.56 -4.25
CA ARG A 65 -18.37 16.63 -4.88
C ARG A 65 -19.80 16.61 -4.36
N GLN A 66 -20.28 17.76 -3.94
CA GLN A 66 -21.63 17.90 -3.41
C GLN A 66 -21.84 17.14 -2.11
N ARG A 67 -20.78 16.57 -1.53
CA ARG A 67 -20.92 15.70 -0.38
C ARG A 67 -20.21 16.18 0.88
N ALA A 68 -19.26 17.11 0.75
CA ALA A 68 -18.36 17.45 1.85
C ALA A 68 -18.35 18.94 2.10
N ARG A 69 -18.45 19.33 3.36
CA ARG A 69 -18.37 20.75 3.71
C ARG A 69 -17.38 21.00 4.86
N LEU A 70 -16.65 22.10 4.75
CA LEU A 70 -15.89 22.64 5.86
C LEU A 70 -16.70 23.77 6.47
N LEU A 71 -17.10 23.60 7.73
CA LEU A 71 -18.10 24.51 8.32
C LEU A 71 -17.44 25.84 8.65
N LYS A 72 -17.70 26.87 7.83
CA LYS A 72 -17.06 28.18 8.01
C LYS A 72 -17.53 28.86 9.28
N ASP A 73 -18.73 28.57 9.75
CA ASP A 73 -19.16 29.25 10.96
C ASP A 73 -18.48 28.67 12.19
N GLN A 74 -17.78 27.55 12.03
CA GLN A 74 -17.00 26.95 13.10
C GLN A 74 -15.55 27.41 13.11
N LEU A 75 -14.98 27.69 11.94
CA LEU A 75 -13.61 28.18 11.82
C LEU A 75 -13.32 29.27 12.83
N SER A 76 -14.21 30.28 12.91
CA SER A 76 -13.97 31.40 13.82
C SER A 76 -13.79 30.93 15.26
N LEU A 77 -14.39 29.81 15.64
CA LEU A 77 -14.26 29.28 16.99
C LEU A 77 -13.04 28.36 17.16
N GLY A 78 -12.05 28.47 16.27
CA GLY A 78 -10.94 27.54 16.25
C GLY A 78 -11.33 26.07 16.11
N ASN A 79 -12.31 25.76 15.26
CA ASN A 79 -12.76 24.38 15.06
C ASN A 79 -12.93 24.13 13.57
N ALA A 80 -12.24 23.13 13.04
CA ALA A 80 -12.30 22.80 11.63
C ALA A 80 -13.15 21.54 11.51
N ALA A 81 -14.36 21.68 11.00
CA ALA A 81 -15.36 20.64 11.14
C ALA A 81 -15.75 20.19 9.75
N LEU A 82 -15.24 19.03 9.36
CA LEU A 82 -15.54 18.42 8.08
C LEU A 82 -16.89 17.75 8.20
N GLN A 83 -17.80 18.10 7.30
CA GLN A 83 -19.14 17.53 7.27
C GLN A 83 -19.26 16.66 6.03
N ILE A 84 -19.64 15.42 6.23
CA ILE A 84 -19.91 14.50 5.15
C ILE A 84 -21.37 14.08 5.25
N THR A 85 -22.16 14.42 4.21
CA THR A 85 -23.56 14.03 4.13
C THR A 85 -23.70 12.63 3.51
N ASP A 86 -24.56 11.81 4.11
CA ASP A 86 -24.92 10.46 3.61
C ASP A 86 -23.67 9.57 3.50
N VAL A 87 -23.19 9.13 4.67
CA VAL A 87 -21.97 8.32 4.70
C VAL A 87 -22.28 6.92 4.22
N LYS A 88 -21.45 6.41 3.32
CA LYS A 88 -21.43 5.03 2.91
C LYS A 88 -20.20 4.35 3.52
N LEU A 89 -20.04 3.04 3.24
CA LEU A 89 -18.96 2.30 3.90
C LEU A 89 -17.58 2.77 3.42
N GLN A 90 -17.45 3.05 2.13
CA GLN A 90 -16.36 3.79 1.49
C GLN A 90 -15.84 5.01 2.24
N ASP A 91 -16.53 5.44 3.29
CA ASP A 91 -16.07 6.57 4.09
C ASP A 91 -15.34 6.14 5.34
N ALA A 92 -15.37 4.85 5.68
CA ALA A 92 -14.59 4.41 6.83
C ALA A 92 -13.11 4.51 6.51
N GLY A 93 -12.33 4.76 7.52
CA GLY A 93 -10.93 4.97 7.27
C GLY A 93 -10.39 6.06 8.15
N VAL A 94 -9.12 6.39 7.90
CA VAL A 94 -8.36 7.34 8.71
C VAL A 94 -8.35 8.68 7.97
N TYR A 95 -8.74 9.73 8.68
CA TYR A 95 -8.81 11.09 8.14
C TYR A 95 -7.73 11.93 8.78
N ARG A 96 -7.10 12.78 7.97
CA ARG A 96 -6.16 13.77 8.45
C ARG A 96 -6.68 15.18 8.15
N CYS A 97 -6.64 16.03 9.15
CA CYS A 97 -6.87 17.46 9.02
C CYS A 97 -5.52 18.13 9.21
N MET A 98 -5.06 18.86 8.21
CA MET A 98 -3.80 19.56 8.30
C MET A 98 -4.05 21.04 8.19
N ILE A 99 -3.55 21.78 9.17
CA ILE A 99 -3.95 23.15 9.44
C ILE A 99 -2.71 24.00 9.54
N SER A 100 -2.69 25.13 8.84
CA SER A 100 -1.56 26.06 8.85
C SER A 100 -2.06 27.45 9.21
N TYR A 101 -1.80 27.88 10.44
CA TYR A 101 -2.32 29.18 10.87
C TYR A 101 -1.33 29.78 11.87
N GLY A 102 -0.33 30.48 11.34
CA GLY A 102 0.86 30.74 12.09
C GLY A 102 1.74 29.51 11.98
N GLY A 103 1.56 28.58 12.90
CA GLY A 103 2.25 27.30 12.85
C GLY A 103 1.58 26.33 11.90
N ALA A 104 1.89 25.06 12.11
CA ALA A 104 1.28 23.99 11.33
C ALA A 104 1.26 22.73 12.20
N ASP A 105 0.28 21.88 11.96
CA ASP A 105 0.13 20.64 12.69
C ASP A 105 -0.96 19.85 11.97
N TYR A 106 -1.06 18.57 12.31
CA TYR A 106 -2.13 17.78 11.74
C TYR A 106 -2.52 16.74 12.76
N LYS A 107 -3.74 16.21 12.62
CA LYS A 107 -4.16 15.10 13.45
C LYS A 107 -4.86 14.05 12.60
N ARG A 108 -5.03 12.88 13.20
CA ARG A 108 -5.69 11.76 12.56
C ARG A 108 -7.01 11.51 13.26
N ILE A 109 -8.00 11.06 12.50
CA ILE A 109 -9.26 10.63 13.07
C ILE A 109 -9.68 9.37 12.32
N THR A 110 -10.12 8.36 13.07
CA THR A 110 -10.55 7.09 12.48
C THR A 110 -12.08 7.09 12.43
N VAL A 111 -12.62 6.67 11.28
CA VAL A 111 -14.05 6.71 11.02
C VAL A 111 -14.53 5.29 10.72
N LYS A 112 -15.34 4.72 11.62
CA LYS A 112 -15.95 3.43 11.37
C LYS A 112 -17.44 3.59 11.05
N VAL A 113 -17.89 2.95 9.97
CA VAL A 113 -19.28 2.96 9.55
C VAL A 113 -19.87 1.57 9.77
N ASN A 114 -20.95 1.49 10.56
CA ASN A 114 -21.74 0.28 10.57
C ASN A 114 -22.46 0.09 9.23
N ALA A 115 -22.86 -1.14 8.97
CA ALA A 115 -23.33 -1.55 7.66
C ALA A 115 -24.81 -1.19 7.50
N PRO A 116 -25.35 -1.23 6.26
CA PRO A 116 -26.81 -1.05 6.14
C PRO A 116 -27.57 -2.28 6.63
N ALA B 1 -26.98 -19.95 1.95
CA ALA B 1 -25.74 -20.56 1.50
C ALA B 1 -24.55 -19.99 2.28
N PHE B 2 -23.48 -19.62 1.58
CA PHE B 2 -22.21 -19.34 2.25
C PHE B 2 -22.15 -17.91 2.76
N THR B 3 -21.88 -17.76 4.06
CA THR B 3 -21.90 -16.46 4.72
C THR B 3 -20.67 -16.36 5.62
N VAL B 4 -19.74 -15.48 5.26
CA VAL B 4 -18.71 -15.03 6.18
C VAL B 4 -19.34 -14.14 7.25
N THR B 5 -18.91 -14.32 8.50
CA THR B 5 -19.39 -13.48 9.61
C THR B 5 -18.21 -12.99 10.44
N VAL B 6 -18.34 -11.75 10.93
CA VAL B 6 -17.37 -11.13 11.83
C VAL B 6 -18.04 -10.80 13.16
N PRO B 7 -17.62 -11.44 14.26
CA PRO B 7 -18.29 -11.17 15.54
C PRO B 7 -18.01 -9.77 16.03
N LYS B 8 -16.88 -9.21 15.63
CA LYS B 8 -16.47 -7.86 15.97
C LYS B 8 -16.04 -7.21 14.68
N ASP B 9 -16.60 -6.04 14.34
CA ASP B 9 -16.20 -5.36 13.12
C ASP B 9 -15.48 -4.06 13.42
N LEU B 10 -15.22 -3.80 14.69
CA LEU B 10 -14.30 -2.74 15.08
C LEU B 10 -13.43 -3.24 16.22
N TYR B 11 -12.11 -3.15 16.03
CA TYR B 11 -11.12 -3.37 17.08
C TYR B 11 -10.41 -2.05 17.34
N VAL B 12 -10.34 -1.65 18.61
CA VAL B 12 -9.52 -0.53 19.07
C VAL B 12 -8.32 -1.13 19.77
N VAL B 13 -7.12 -0.92 19.24
CA VAL B 13 -5.94 -1.60 19.75
C VAL B 13 -4.86 -0.61 20.16
N GLU B 14 -4.06 -1.03 21.14
CA GLU B 14 -2.93 -0.25 21.60
C GLU B 14 -1.82 -0.24 20.56
N TYR B 15 -1.16 0.90 20.42
CA TYR B 15 0.06 0.95 19.63
C TYR B 15 1.02 -0.14 20.10
N GLY B 16 1.70 -0.79 19.15
CA GLY B 16 2.71 -1.77 19.48
C GLY B 16 2.23 -3.07 20.09
N SER B 17 0.92 -3.24 20.29
CA SER B 17 0.41 -4.51 20.78
C SER B 17 0.31 -5.46 19.61
N ASN B 18 -0.19 -6.66 19.86
CA ASN B 18 -0.54 -7.58 18.79
C ASN B 18 -2.06 -7.55 18.61
N MET B 19 -2.53 -7.77 17.40
CA MET B 19 -3.96 -7.85 17.20
C MET B 19 -4.30 -9.01 16.29
N THR B 20 -5.41 -9.65 16.60
CA THR B 20 -5.91 -10.79 15.85
C THR B 20 -7.37 -10.46 15.54
N ILE B 21 -7.69 -10.27 14.26
CA ILE B 21 -9.05 -9.94 13.84
C ILE B 21 -9.62 -11.13 13.11
N GLU B 22 -10.89 -11.42 13.39
CA GLU B 22 -11.50 -12.72 13.09
C GLU B 22 -12.60 -12.58 12.06
N CYS B 23 -12.57 -13.48 11.08
CA CYS B 23 -13.69 -13.74 10.20
C CYS B 23 -14.11 -15.20 10.37
N LYS B 24 -15.34 -15.41 10.80
CA LYS B 24 -15.89 -16.75 10.90
C LYS B 24 -16.55 -17.15 9.59
N PHE B 25 -16.37 -18.42 9.21
CA PHE B 25 -17.01 -18.99 8.03
C PHE B 25 -17.34 -20.45 8.32
N PRO B 26 -18.43 -20.96 7.73
CA PRO B 26 -18.93 -22.27 8.14
C PRO B 26 -18.03 -23.40 7.68
N VAL B 27 -17.84 -24.38 8.57
CA VAL B 27 -17.13 -25.62 8.28
C VAL B 27 -17.97 -26.80 8.76
N GLU B 28 -18.38 -27.67 7.84
CA GLU B 28 -19.21 -28.79 8.23
C GLU B 28 -18.42 -29.81 9.02
N LYS B 29 -17.47 -30.48 8.38
CA LYS B 29 -16.74 -31.59 8.98
C LYS B 29 -15.27 -31.18 9.15
N GLN B 30 -14.34 -31.97 8.64
CA GLN B 30 -12.95 -31.50 8.66
C GLN B 30 -12.82 -30.44 7.57
N LEU B 31 -12.04 -29.38 7.80
CA LEU B 31 -11.76 -28.41 6.75
C LEU B 31 -10.96 -29.07 5.63
N ASP B 32 -11.29 -28.70 4.41
CA ASP B 32 -10.66 -29.23 3.21
C ASP B 32 -9.75 -28.14 2.65
N LEU B 33 -8.44 -28.27 2.89
CA LEU B 33 -7.52 -27.19 2.56
C LEU B 33 -7.44 -26.92 1.06
N ALA B 34 -7.59 -27.94 0.22
CA ALA B 34 -7.50 -27.69 -1.21
C ALA B 34 -8.72 -26.97 -1.77
N ALA B 35 -9.82 -26.89 -1.02
CA ALA B 35 -11.01 -26.14 -1.45
C ALA B 35 -11.18 -24.84 -0.67
N LEU B 36 -10.09 -24.31 -0.09
CA LEU B 36 -10.16 -23.08 0.69
C LEU B 36 -9.17 -22.06 0.13
N ILE B 37 -9.65 -20.81 0.02
CA ILE B 37 -8.81 -19.64 -0.21
C ILE B 37 -9.18 -18.61 0.85
N VAL B 38 -8.19 -18.15 1.60
CA VAL B 38 -8.36 -17.05 2.55
C VAL B 38 -7.49 -15.91 2.05
N TYR B 39 -8.07 -14.71 1.97
CA TYR B 39 -7.33 -13.56 1.49
C TYR B 39 -7.65 -12.40 2.41
N TRP B 40 -6.60 -11.73 2.92
CA TRP B 40 -6.77 -10.49 3.65
C TRP B 40 -6.04 -9.38 2.94
N GLU B 41 -6.47 -8.16 3.25
CA GLU B 41 -6.17 -6.97 2.47
C GLU B 41 -6.54 -5.76 3.33
N MET B 42 -5.89 -4.64 3.06
CA MET B 42 -6.30 -3.37 3.65
C MET B 42 -5.73 -2.30 2.73
N GLU B 43 -6.59 -1.37 2.30
CA GLU B 43 -6.20 -0.30 1.37
C GLU B 43 -5.43 -0.84 0.17
N ASP B 44 -5.95 -1.90 -0.44
CA ASP B 44 -5.35 -2.54 -1.62
C ASP B 44 -4.00 -3.21 -1.34
N LYS B 45 -3.57 -3.33 -0.09
CA LYS B 45 -2.34 -4.05 0.21
C LYS B 45 -2.64 -5.49 0.56
N ASN B 46 -1.98 -6.42 -0.13
CA ASN B 46 -2.09 -7.84 0.14
C ASN B 46 -1.42 -8.18 1.47
N ILE B 47 -2.18 -8.69 2.43
CA ILE B 47 -1.65 -9.10 3.70
C ILE B 47 -1.50 -10.62 3.77
N ILE B 48 -2.59 -11.32 3.53
CA ILE B 48 -2.60 -12.78 3.52
C ILE B 48 -3.21 -13.23 2.22
N GLN B 49 -2.54 -14.19 1.56
CA GLN B 49 -3.07 -14.84 0.36
C GLN B 49 -2.89 -16.34 0.53
N PHE B 50 -3.81 -16.96 1.26
CA PHE B 50 -3.73 -18.37 1.63
C PHE B 50 -4.52 -19.20 0.63
N VAL B 51 -3.81 -19.75 -0.36
CA VAL B 51 -4.39 -20.43 -1.51
C VAL B 51 -4.15 -21.92 -1.37
N HIS B 52 -5.24 -22.71 -1.26
CA HIS B 52 -5.20 -24.17 -1.10
C HIS B 52 -4.01 -24.64 -0.27
N GLY B 53 -4.06 -24.44 1.04
CA GLY B 53 -3.05 -24.95 1.94
C GLY B 53 -1.82 -24.08 2.14
N GLU B 54 -1.48 -23.19 1.20
CA GLU B 54 -0.18 -22.52 1.20
C GLU B 54 -0.32 -21.00 1.12
N GLU B 55 0.46 -20.31 1.96
CA GLU B 55 0.59 -18.87 1.86
C GLU B 55 1.39 -18.50 0.61
N ASP B 56 1.04 -17.37 0.03
CA ASP B 56 1.75 -16.86 -1.14
C ASP B 56 2.40 -15.54 -0.76
N LEU B 57 3.67 -15.60 -0.37
CA LEU B 57 4.39 -14.45 0.17
C LEU B 57 5.08 -13.62 -0.90
N LYS B 58 5.17 -14.10 -2.13
CA LYS B 58 5.68 -13.24 -3.20
C LYS B 58 4.79 -12.01 -3.41
N VAL B 59 3.48 -12.16 -3.27
CA VAL B 59 2.58 -11.02 -3.50
C VAL B 59 2.28 -10.26 -2.20
N GLN B 60 2.86 -10.67 -1.08
CA GLN B 60 2.53 -10.01 0.18
C GLN B 60 3.10 -8.59 0.20
N HIS B 61 2.28 -7.62 0.59
CA HIS B 61 2.78 -6.25 0.62
C HIS B 61 3.96 -6.11 1.59
N SER B 62 4.93 -5.28 1.19
CA SER B 62 6.15 -5.10 1.97
C SER B 62 5.85 -4.77 3.43
N SER B 63 4.97 -3.80 3.68
CA SER B 63 4.79 -3.36 5.06
C SER B 63 4.20 -4.44 5.97
N TYR B 64 3.96 -5.65 5.49
CA TYR B 64 3.39 -6.72 6.28
C TYR B 64 4.32 -7.92 6.39
N ARG B 65 5.47 -7.86 5.73
CA ARG B 65 6.50 -8.91 5.77
C ARG B 65 6.81 -9.34 7.18
N GLN B 66 6.65 -10.62 7.44
CA GLN B 66 6.96 -11.20 8.75
C GLN B 66 6.27 -10.46 9.90
N ARG B 67 5.13 -9.81 9.61
CA ARG B 67 4.30 -9.23 10.66
C ARG B 67 2.89 -9.78 10.66
N ALA B 68 2.54 -10.63 9.71
CA ALA B 68 1.18 -11.09 9.57
C ALA B 68 1.12 -12.61 9.51
N ARG B 69 0.20 -13.20 10.26
CA ARG B 69 -0.04 -14.64 10.22
C ARG B 69 -1.53 -14.94 10.11
N LEU B 70 -1.88 -15.95 9.32
CA LEU B 70 -3.18 -16.58 9.42
C LEU B 70 -3.05 -17.78 10.36
N LEU B 71 -3.66 -17.66 11.55
CA LEU B 71 -3.50 -18.71 12.54
C LEU B 71 -4.10 -20.02 12.04
N LYS B 72 -3.23 -20.87 11.50
CA LYS B 72 -3.65 -22.07 10.81
C LYS B 72 -4.34 -23.10 11.71
N ASP B 73 -4.36 -22.92 13.02
CA ASP B 73 -5.17 -23.80 13.84
C ASP B 73 -6.57 -23.25 14.07
N GLN B 74 -6.77 -21.95 13.89
CA GLN B 74 -8.12 -21.39 13.95
C GLN B 74 -8.94 -21.74 12.72
N LEU B 75 -8.29 -22.06 11.59
CA LEU B 75 -8.99 -22.38 10.36
C LEU B 75 -9.94 -23.56 10.53
N SER B 76 -9.47 -24.64 11.16
CA SER B 76 -10.26 -25.87 11.29
C SER B 76 -11.59 -25.62 11.99
N LEU B 77 -11.67 -24.58 12.82
CA LEU B 77 -12.88 -24.22 13.54
C LEU B 77 -13.68 -23.17 12.81
N GLY B 78 -13.53 -23.10 11.47
CA GLY B 78 -14.14 -22.07 10.67
C GLY B 78 -13.70 -20.67 11.02
N ASN B 79 -12.49 -20.49 11.55
CA ASN B 79 -12.04 -19.16 11.96
C ASN B 79 -10.81 -18.77 11.18
N ALA B 80 -10.98 -17.81 10.26
CA ALA B 80 -9.86 -17.13 9.63
C ALA B 80 -9.47 -15.99 10.55
N ALA B 81 -8.31 -16.12 11.18
CA ALA B 81 -7.83 -15.16 12.17
C ALA B 81 -6.54 -14.57 11.66
N LEU B 82 -6.55 -13.28 11.36
CA LEU B 82 -5.36 -12.57 10.93
C LEU B 82 -4.71 -11.94 12.14
N GLN B 83 -3.46 -12.32 12.40
CA GLN B 83 -2.69 -11.76 13.50
C GLN B 83 -1.71 -10.76 12.93
N ILE B 84 -1.64 -9.59 13.55
CA ILE B 84 -0.69 -8.56 13.15
C ILE B 84 0.17 -8.24 14.37
N THR B 85 1.49 -8.45 14.25
CA THR B 85 2.38 -8.21 15.38
C THR B 85 2.99 -6.81 15.29
N ASP B 86 3.06 -6.18 16.48
CA ASP B 86 3.61 -4.84 16.69
C ASP B 86 2.85 -3.80 15.85
N VAL B 87 1.61 -3.57 16.27
CA VAL B 87 0.68 -2.72 15.54
C VAL B 87 1.25 -1.31 15.49
N LYS B 88 1.40 -0.78 14.28
CA LYS B 88 1.67 0.63 14.05
C LYS B 88 0.37 1.38 13.73
N LEU B 89 0.40 2.71 13.86
CA LEU B 89 -0.78 3.50 13.51
C LEU B 89 -1.12 3.33 12.05
N GLN B 90 -0.09 3.22 11.21
CA GLN B 90 -0.23 2.78 9.83
C GLN B 90 -1.20 1.63 9.66
N ASP B 91 -1.40 0.83 10.70
CA ASP B 91 -2.25 -0.34 10.58
C ASP B 91 -3.74 -0.02 10.73
N ALA B 92 -4.10 1.21 11.08
CA ALA B 92 -5.51 1.54 11.29
C ALA B 92 -6.23 1.66 9.95
N GLY B 93 -7.43 1.13 9.89
CA GLY B 93 -8.14 1.16 8.64
C GLY B 93 -9.15 0.05 8.55
N VAL B 94 -9.52 -0.21 7.31
CA VAL B 94 -10.58 -1.16 6.99
C VAL B 94 -9.90 -2.36 6.35
N TYR B 95 -10.10 -3.51 6.94
CA TYR B 95 -9.60 -4.77 6.42
C TYR B 95 -10.73 -5.51 5.71
N ARG B 96 -10.35 -6.30 4.71
CA ARG B 96 -11.26 -7.22 4.05
C ARG B 96 -10.71 -8.65 4.10
N CYS B 97 -11.43 -9.53 4.78
CA CYS B 97 -11.19 -10.96 4.65
C CYS B 97 -12.10 -11.49 3.54
N MET B 98 -11.52 -12.09 2.51
CA MET B 98 -12.25 -12.73 1.43
C MET B 98 -11.96 -14.21 1.47
N ILE B 99 -13.02 -15.02 1.52
CA ILE B 99 -12.90 -16.44 1.76
C ILE B 99 -13.66 -17.18 0.66
N SER B 100 -13.03 -18.22 0.10
CA SER B 100 -13.58 -19.07 -0.94
C SER B 100 -13.55 -20.51 -0.41
N TYR B 101 -14.71 -21.03 0.00
CA TYR B 101 -14.76 -22.41 0.56
C TYR B 101 -16.10 -23.03 0.17
N GLY B 102 -16.15 -23.64 -1.01
CA GLY B 102 -17.41 -23.96 -1.63
C GLY B 102 -18.00 -22.66 -2.19
N GLY B 103 -18.84 -22.02 -1.40
CA GLY B 103 -19.29 -20.66 -1.66
C GLY B 103 -18.17 -19.64 -1.48
N ALA B 104 -18.59 -18.36 -1.52
CA ALA B 104 -17.71 -17.21 -1.36
C ALA B 104 -18.49 -16.09 -0.66
N ASP B 105 -17.76 -15.25 0.05
CA ASP B 105 -18.29 -14.07 0.72
C ASP B 105 -17.09 -13.29 1.27
N TYR B 106 -17.36 -12.10 1.76
CA TYR B 106 -16.34 -11.31 2.43
C TYR B 106 -17.02 -10.36 3.40
N LYS B 107 -16.24 -9.85 4.37
CA LYS B 107 -16.70 -8.83 5.30
C LYS B 107 -15.59 -7.81 5.57
N ARG B 108 -15.97 -6.76 6.30
CA ARG B 108 -15.13 -5.60 6.57
C ARG B 108 -14.87 -5.55 8.06
N ILE B 109 -13.60 -5.36 8.44
CA ILE B 109 -13.25 -5.04 9.81
C ILE B 109 -12.53 -3.71 9.81
N THR B 110 -12.91 -2.84 10.72
CA THR B 110 -12.28 -1.55 10.94
C THR B 110 -11.44 -1.66 12.20
N VAL B 111 -10.19 -1.22 12.14
CA VAL B 111 -9.30 -1.19 13.31
C VAL B 111 -8.84 0.24 13.56
N LYS B 112 -8.91 0.66 14.82
CA LYS B 112 -8.35 1.93 15.27
C LYS B 112 -7.17 1.68 16.22
N VAL B 113 -6.07 2.40 16.01
CA VAL B 113 -4.87 2.27 16.85
C VAL B 113 -4.71 3.50 17.72
N ASN B 114 -4.77 3.32 19.04
CA ASN B 114 -4.57 4.44 19.96
C ASN B 114 -3.14 4.96 19.84
N ALA B 115 -2.92 6.15 20.42
CA ALA B 115 -1.60 6.79 20.37
C ALA B 115 -0.55 5.95 21.10
N PRO B 116 0.72 6.19 20.80
CA PRO B 116 1.78 5.56 21.58
C PRO B 116 2.10 6.37 22.83
N TYR B 117 2.69 5.68 23.80
CA TYR B 117 2.96 6.24 25.11
C TYR B 117 4.46 6.45 25.25
N ALA B 118 4.91 7.68 25.02
CA ALA B 118 6.32 8.05 25.19
C ALA B 118 7.26 7.16 24.36
N ALA C 1 -0.56 -17.32 -10.93
CA ALA C 1 -1.82 -17.92 -10.51
C ALA C 1 -3.08 -17.17 -11.06
N PHE C 2 -4.19 -17.30 -10.35
CA PHE C 2 -5.48 -16.84 -10.84
C PHE C 2 -5.58 -15.31 -10.79
N THR C 3 -5.88 -14.69 -11.93
CA THR C 3 -5.86 -13.23 -11.99
C THR C 3 -7.03 -12.68 -12.80
N VAL C 4 -7.83 -11.83 -12.18
CA VAL C 4 -8.95 -11.18 -12.86
C VAL C 4 -8.45 -9.89 -13.50
N THR C 5 -8.68 -9.73 -14.81
CA THR C 5 -8.22 -8.51 -15.45
C THR C 5 -9.39 -7.66 -15.92
N VAL C 6 -9.11 -6.37 -16.09
CA VAL C 6 -10.15 -5.42 -16.41
C VAL C 6 -9.59 -4.52 -17.51
N PRO C 7 -10.18 -4.58 -18.72
CA PRO C 7 -9.61 -3.84 -19.86
C PRO C 7 -9.75 -2.34 -19.74
N LYS C 8 -10.69 -1.87 -18.92
CA LYS C 8 -10.86 -0.48 -18.56
C LYS C 8 -11.28 -0.49 -17.12
N ASP C 9 -10.62 0.29 -16.26
CA ASP C 9 -11.13 0.40 -14.90
C ASP C 9 -11.75 1.76 -14.63
N LEU C 10 -12.04 2.52 -15.69
CA LEU C 10 -12.85 3.73 -15.61
C LEU C 10 -13.77 3.77 -16.82
N TYR C 11 -15.07 3.69 -16.58
CA TYR C 11 -16.07 3.85 -17.63
C TYR C 11 -16.75 5.20 -17.43
N VAL C 12 -16.75 6.00 -18.50
CA VAL C 12 -17.50 7.25 -18.56
C VAL C 12 -18.68 7.01 -19.49
N VAL C 13 -19.90 6.99 -18.93
CA VAL C 13 -21.09 6.60 -19.68
C VAL C 13 -22.09 7.73 -19.66
N GLU C 14 -22.96 7.71 -20.67
CA GLU C 14 -23.99 8.71 -20.88
C GLU C 14 -25.24 8.35 -20.10
N TYR C 15 -25.91 9.37 -19.59
CA TYR C 15 -27.19 9.17 -18.92
C TYR C 15 -28.13 8.40 -19.83
N GLY C 16 -28.91 7.51 -19.22
CA GLY C 16 -29.89 6.71 -19.93
C GLY C 16 -29.33 5.74 -20.95
N SER C 17 -28.02 5.66 -21.09
CA SER C 17 -27.46 4.69 -22.02
C SER C 17 -27.42 3.30 -21.38
N ASN C 18 -26.83 2.34 -22.09
CA ASN C 18 -26.53 1.04 -21.52
C ASN C 18 -25.03 0.86 -21.40
N MET C 19 -24.58 0.37 -20.27
CA MET C 19 -23.15 0.20 -20.05
C MET C 19 -22.86 -1.26 -19.77
N THR C 20 -21.72 -1.69 -20.27
CA THR C 20 -21.23 -3.06 -20.11
C THR C 20 -19.82 -2.97 -19.55
N ILE C 21 -19.68 -3.25 -18.26
CA ILE C 21 -18.38 -3.21 -17.63
C ILE C 21 -17.85 -4.63 -17.57
N GLU C 22 -16.57 -4.76 -17.91
CA GLU C 22 -16.04 -6.01 -18.42
C GLU C 22 -14.90 -6.50 -17.56
N CYS C 23 -15.01 -7.75 -17.19
CA CYS C 23 -14.24 -8.37 -16.14
C CYS C 23 -13.85 -9.70 -16.73
N LYS C 24 -12.55 -9.88 -16.99
CA LYS C 24 -12.08 -11.08 -17.67
C LYS C 24 -11.38 -11.99 -16.67
N PHE C 25 -11.34 -13.29 -16.98
CA PHE C 25 -10.75 -14.28 -16.09
C PHE C 25 -10.37 -15.52 -16.91
N PRO C 26 -9.48 -16.36 -16.40
CA PRO C 26 -9.01 -17.50 -17.20
C PRO C 26 -10.00 -18.66 -17.24
N VAL C 27 -10.21 -19.20 -18.44
CA VAL C 27 -10.99 -20.43 -18.65
C VAL C 27 -10.13 -21.40 -19.48
N GLU C 28 -9.83 -22.57 -18.91
CA GLU C 28 -8.93 -23.53 -19.56
C GLU C 28 -9.54 -24.14 -20.82
N LYS C 29 -10.44 -25.12 -20.65
CA LYS C 29 -11.10 -25.76 -21.78
C LYS C 29 -12.54 -25.29 -21.80
N GLN C 30 -13.43 -26.06 -21.20
CA GLN C 30 -14.85 -25.66 -21.19
C GLN C 30 -15.19 -25.08 -19.82
N LEU C 31 -16.19 -24.23 -19.77
CA LEU C 31 -16.51 -23.64 -18.48
C LEU C 31 -17.17 -24.67 -17.58
N ASP C 32 -16.74 -24.71 -16.32
CA ASP C 32 -17.34 -25.59 -15.31
C ASP C 32 -18.23 -24.71 -14.45
N LEU C 33 -19.48 -24.54 -14.89
CA LEU C 33 -20.42 -23.67 -14.18
C LEU C 33 -20.52 -24.04 -12.70
N ALA C 34 -20.38 -25.31 -12.35
CA ALA C 34 -20.50 -25.71 -10.96
C ALA C 34 -19.35 -25.18 -10.12
N ALA C 35 -18.25 -24.80 -10.74
CA ALA C 35 -17.08 -24.32 -10.02
C ALA C 35 -16.91 -22.82 -10.16
N LEU C 36 -17.95 -22.09 -10.57
CA LEU C 36 -17.81 -20.67 -10.84
C LEU C 36 -18.71 -19.86 -9.93
N ILE C 37 -18.15 -18.80 -9.35
CA ILE C 37 -18.91 -17.78 -8.66
C ILE C 37 -18.50 -16.44 -9.25
N VAL C 38 -19.49 -15.65 -9.65
CA VAL C 38 -19.27 -14.31 -10.18
C VAL C 38 -20.12 -13.36 -9.35
N TYR C 39 -19.47 -12.34 -8.77
CA TYR C 39 -20.17 -11.41 -7.90
C TYR C 39 -19.83 -9.99 -8.35
N TRP C 40 -20.86 -9.14 -8.46
CA TRP C 40 -20.65 -7.71 -8.66
C TRP C 40 -21.38 -6.94 -7.58
N GLU C 41 -20.81 -5.80 -7.22
CA GLU C 41 -21.40 -4.94 -6.21
C GLU C 41 -20.92 -3.53 -6.48
N MET C 42 -21.51 -2.59 -5.76
CA MET C 42 -21.13 -1.19 -5.82
C MET C 42 -21.69 -0.56 -4.57
N GLU C 43 -20.85 0.19 -3.84
CA GLU C 43 -21.21 0.68 -2.51
C GLU C 43 -21.93 -0.41 -1.72
N ASP C 44 -21.41 -1.64 -1.82
CA ASP C 44 -21.96 -2.77 -1.07
C ASP C 44 -23.44 -2.98 -1.37
N LYS C 45 -23.81 -2.86 -2.64
CA LYS C 45 -25.12 -3.28 -3.10
C LYS C 45 -24.93 -4.51 -3.99
N ASN C 46 -25.64 -5.58 -3.66
CA ASN C 46 -25.59 -6.79 -4.46
C ASN C 46 -26.16 -6.49 -5.84
N ILE C 47 -25.32 -6.56 -6.87
CA ILE C 47 -25.83 -6.41 -8.23
C ILE C 47 -26.04 -7.77 -8.86
N ILE C 48 -24.99 -8.58 -8.90
CA ILE C 48 -25.08 -9.94 -9.42
C ILE C 48 -24.51 -10.88 -8.37
N GLN C 49 -25.15 -12.03 -8.22
CA GLN C 49 -24.65 -13.12 -7.39
C GLN C 49 -24.92 -14.38 -8.21
N PHE C 50 -23.93 -14.76 -9.00
CA PHE C 50 -23.99 -15.93 -9.86
C PHE C 50 -23.21 -17.09 -9.23
N VAL C 51 -23.91 -18.00 -8.57
CA VAL C 51 -23.29 -19.05 -7.78
C VAL C 51 -23.67 -20.39 -8.40
N HIS C 52 -22.69 -21.07 -8.97
CA HIS C 52 -22.82 -22.46 -9.41
C HIS C 52 -23.94 -22.62 -10.42
N GLY C 53 -23.82 -21.87 -11.51
CA GLY C 53 -24.74 -21.94 -12.61
C GLY C 53 -25.92 -20.99 -12.57
N GLU C 54 -26.32 -20.51 -11.39
CA GLU C 54 -27.58 -19.79 -11.25
C GLU C 54 -27.42 -18.45 -10.54
N GLU C 55 -27.88 -17.40 -11.20
CA GLU C 55 -28.07 -16.13 -10.51
C GLU C 55 -28.98 -16.33 -9.32
N ASP C 56 -28.64 -15.65 -8.24
CA ASP C 56 -29.40 -15.69 -6.99
C ASP C 56 -30.15 -14.36 -6.89
N LEU C 57 -31.31 -14.27 -7.53
CA LEU C 57 -31.99 -13.00 -7.63
C LEU C 57 -32.79 -12.65 -6.38
N LYS C 58 -32.65 -13.42 -5.30
CA LYS C 58 -33.25 -13.02 -4.02
C LYS C 58 -32.36 -12.01 -3.30
N VAL C 59 -31.05 -12.15 -3.44
CA VAL C 59 -30.11 -11.27 -2.77
C VAL C 59 -29.89 -9.97 -3.54
N GLN C 60 -30.30 -9.91 -4.80
CA GLN C 60 -30.06 -8.73 -5.62
C GLN C 60 -30.69 -7.49 -4.97
N HIS C 61 -30.02 -6.35 -5.11
CA HIS C 61 -30.51 -5.11 -4.53
C HIS C 61 -31.64 -4.55 -5.39
N SER C 62 -32.67 -4.00 -4.73
CA SER C 62 -33.85 -3.52 -5.45
C SER C 62 -33.46 -2.60 -6.60
N SER C 63 -32.42 -1.79 -6.39
CA SER C 63 -31.94 -0.85 -7.39
C SER C 63 -31.58 -1.47 -8.73
N TYR C 64 -31.39 -2.79 -8.81
CA TYR C 64 -30.85 -3.39 -10.01
C TYR C 64 -31.74 -4.48 -10.60
N ARG C 65 -32.80 -4.88 -9.91
CA ARG C 65 -33.74 -5.85 -10.47
C ARG C 65 -34.13 -5.42 -11.88
N GLN C 66 -34.27 -6.41 -12.75
CA GLN C 66 -34.66 -6.25 -14.15
C GLN C 66 -33.79 -5.25 -14.90
N ARG C 67 -32.67 -4.84 -14.30
CA ARG C 67 -31.75 -3.89 -14.91
C ARG C 67 -30.34 -4.42 -15.10
N ALA C 68 -29.93 -5.43 -14.34
CA ALA C 68 -28.53 -5.84 -14.28
C ALA C 68 -28.43 -7.29 -14.67
N ARG C 69 -27.75 -7.57 -15.79
CA ARG C 69 -27.65 -8.95 -16.23
C ARG C 69 -26.22 -9.33 -16.54
N LEU C 70 -25.92 -10.61 -16.30
CA LEU C 70 -24.63 -11.18 -16.61
C LEU C 70 -24.84 -12.02 -17.87
N LEU C 71 -24.25 -11.56 -18.96
CA LEU C 71 -24.43 -12.21 -20.27
C LEU C 71 -23.73 -13.56 -20.20
N LYS C 72 -24.47 -14.55 -19.68
CA LYS C 72 -23.94 -15.89 -19.48
C LYS C 72 -23.31 -16.44 -20.75
N ASP C 73 -23.58 -15.80 -21.89
CA ASP C 73 -22.93 -16.17 -23.15
C ASP C 73 -21.43 -15.97 -23.05
N GLN C 74 -21.01 -14.79 -22.57
CA GLN C 74 -19.58 -14.45 -22.55
C GLN C 74 -18.82 -15.24 -21.49
N LEU C 75 -19.52 -15.89 -20.54
CA LEU C 75 -18.83 -16.59 -19.46
C LEU C 75 -17.92 -17.69 -19.98
N SER C 76 -18.33 -18.39 -21.06
CA SER C 76 -17.55 -19.49 -21.61
C SER C 76 -16.18 -19.05 -22.10
N LEU C 77 -16.07 -17.80 -22.58
CA LEU C 77 -14.81 -17.22 -23.03
C LEU C 77 -14.14 -16.37 -21.95
N GLY C 78 -14.46 -16.63 -20.69
CA GLY C 78 -13.83 -15.92 -19.57
C GLY C 78 -14.09 -14.43 -19.53
N ASN C 79 -15.32 -14.00 -19.78
CA ASN C 79 -15.67 -12.59 -19.66
C ASN C 79 -16.93 -12.49 -18.84
N ALA C 80 -16.81 -12.07 -17.59
CA ALA C 80 -17.98 -11.73 -16.80
C ALA C 80 -18.27 -10.27 -17.08
N ALA C 81 -19.09 -10.02 -18.08
CA ALA C 81 -19.52 -8.67 -18.42
C ALA C 81 -20.77 -8.36 -17.65
N LEU C 82 -20.77 -7.23 -16.94
CA LEU C 82 -21.96 -6.74 -16.24
C LEU C 82 -22.65 -5.69 -17.11
N GLN C 83 -23.92 -5.92 -17.43
CA GLN C 83 -24.67 -5.03 -18.32
C GLN C 83 -25.75 -4.34 -17.50
N ILE C 84 -25.65 -3.01 -17.43
CA ILE C 84 -26.62 -2.18 -16.73
C ILE C 84 -27.35 -1.40 -17.81
N THR C 85 -28.67 -1.53 -17.85
CA THR C 85 -29.45 -0.78 -18.83
C THR C 85 -29.90 0.56 -18.26
N ASP C 86 -29.80 1.59 -19.09
CA ASP C 86 -30.41 2.90 -18.82
C ASP C 86 -29.82 3.51 -17.54
N VAL C 87 -28.58 3.95 -17.71
CA VAL C 87 -27.75 4.38 -16.60
C VAL C 87 -28.25 5.68 -16.03
N LYS C 88 -28.41 5.74 -14.71
CA LYS C 88 -28.68 6.97 -13.98
C LYS C 88 -27.45 7.42 -13.22
N LEU C 89 -27.45 8.69 -12.80
CA LEU C 89 -26.29 9.26 -12.13
C LEU C 89 -26.07 8.64 -10.75
N GLN C 90 -27.04 7.91 -10.21
CA GLN C 90 -26.82 7.16 -8.98
C GLN C 90 -26.09 5.84 -9.24
N ASP C 91 -25.82 5.52 -10.50
CA ASP C 91 -24.97 4.39 -10.87
C ASP C 91 -23.49 4.74 -10.86
N ALA C 92 -23.17 6.03 -10.83
CA ALA C 92 -21.78 6.46 -10.74
C ALA C 92 -21.21 6.00 -9.40
N GLY C 93 -20.03 5.40 -9.44
CA GLY C 93 -19.40 4.90 -8.23
C GLY C 93 -18.42 3.79 -8.55
N VAL C 94 -17.99 3.09 -7.50
CA VAL C 94 -16.94 2.06 -7.63
C VAL C 94 -17.56 0.68 -7.55
N TYR C 95 -17.36 -0.08 -8.62
CA TYR C 95 -17.88 -1.43 -8.77
C TYR C 95 -16.75 -2.43 -8.56
N ARG C 96 -17.11 -3.59 -8.06
CA ARG C 96 -16.16 -4.69 -7.86
C ARG C 96 -16.74 -5.97 -8.48
N CYS C 97 -16.08 -6.51 -9.51
CA CYS C 97 -16.29 -7.91 -9.88
C CYS C 97 -15.32 -8.80 -9.12
N MET C 98 -15.87 -9.76 -8.38
CA MET C 98 -15.10 -10.75 -7.65
C MET C 98 -15.40 -12.12 -8.23
N ILE C 99 -14.38 -12.87 -8.59
CA ILE C 99 -14.54 -14.14 -9.27
C ILE C 99 -13.84 -15.23 -8.47
N SER C 100 -14.46 -16.41 -8.42
CA SER C 100 -13.90 -17.58 -7.76
C SER C 100 -14.09 -18.77 -8.70
N TYR C 101 -12.98 -19.35 -9.17
CA TYR C 101 -12.98 -20.33 -10.25
C TYR C 101 -11.66 -21.09 -10.21
N GLY C 102 -11.55 -22.00 -9.25
CA GLY C 102 -10.24 -22.46 -8.89
C GLY C 102 -9.68 -21.47 -7.92
N GLY C 103 -8.91 -20.51 -8.43
CA GLY C 103 -8.35 -19.46 -7.60
C GLY C 103 -9.42 -18.43 -7.31
N ALA C 104 -8.98 -17.26 -6.86
CA ALA C 104 -9.89 -16.15 -6.65
C ALA C 104 -9.14 -14.83 -6.74
N ASP C 105 -9.84 -13.83 -7.26
CA ASP C 105 -9.33 -12.49 -7.47
C ASP C 105 -10.54 -11.56 -7.56
N TYR C 106 -10.27 -10.27 -7.83
CA TYR C 106 -11.29 -9.24 -7.89
C TYR C 106 -10.64 -7.98 -8.46
N LYS C 107 -11.45 -7.15 -9.12
CA LYS C 107 -10.96 -5.87 -9.58
C LYS C 107 -11.99 -4.80 -9.26
N ARG C 108 -11.55 -3.56 -9.26
CA ARG C 108 -12.44 -2.45 -9.04
C ARG C 108 -12.59 -1.71 -10.35
N ILE C 109 -13.80 -1.24 -10.63
CA ILE C 109 -14.07 -0.43 -11.81
C ILE C 109 -14.85 0.80 -11.37
N THR C 110 -14.44 1.96 -11.87
CA THR C 110 -15.12 3.22 -11.58
C THR C 110 -15.96 3.65 -12.78
N VAL C 111 -17.21 4.02 -12.52
CA VAL C 111 -18.12 4.53 -13.54
C VAL C 111 -18.47 5.98 -13.17
N LYS C 112 -18.24 6.90 -14.11
CA LYS C 112 -18.74 8.27 -14.00
C LYS C 112 -19.84 8.45 -15.03
N VAL C 113 -20.95 9.05 -14.62
CA VAL C 113 -22.14 9.16 -15.47
C VAL C 113 -22.36 10.62 -15.83
N ASN C 114 -22.36 10.91 -17.13
CA ASN C 114 -22.57 12.26 -17.65
C ASN C 114 -24.06 12.50 -17.91
N ALA C 115 -24.60 13.54 -17.28
CA ALA C 115 -25.88 14.04 -17.72
C ALA C 115 -25.77 14.61 -19.13
N PRO C 116 -26.88 14.67 -19.85
CA PRO C 116 -26.88 15.23 -21.21
C PRO C 116 -26.30 16.63 -21.33
N TYR C 117 -26.25 17.37 -20.22
CA TYR C 117 -25.58 18.67 -20.12
C TYR C 117 -26.16 19.73 -21.08
N PHE D 2 1.26 27.23 -4.08
CA PHE D 2 2.44 26.58 -3.51
C PHE D 2 2.39 25.07 -3.71
N THR D 3 3.50 24.51 -4.20
CA THR D 3 3.58 23.08 -4.44
C THR D 3 4.96 22.56 -4.04
N VAL D 4 4.98 21.42 -3.35
CA VAL D 4 6.21 20.74 -2.96
C VAL D 4 6.48 19.60 -3.92
N THR D 5 7.74 19.43 -4.31
CA THR D 5 8.07 18.45 -5.34
C THR D 5 9.15 17.49 -4.86
N VAL D 6 9.05 16.26 -5.36
CA VAL D 6 10.11 15.27 -5.19
C VAL D 6 10.55 14.86 -6.58
N PRO D 7 11.73 15.28 -7.01
CA PRO D 7 12.22 14.77 -8.30
C PRO D 7 12.46 13.28 -8.25
N LYS D 8 12.75 12.75 -7.06
CA LYS D 8 12.94 11.33 -6.82
C LYS D 8 12.10 10.97 -5.62
N ASP D 9 11.13 10.06 -5.81
CA ASP D 9 10.23 9.65 -4.74
C ASP D 9 10.50 8.20 -4.31
N LEU D 10 11.57 7.61 -4.80
CA LEU D 10 12.03 6.32 -4.33
C LEU D 10 13.53 6.43 -4.15
N TYR D 11 14.05 5.95 -3.03
CA TYR D 11 15.48 5.95 -2.76
C TYR D 11 15.91 4.54 -2.34
N VAL D 12 16.95 4.04 -2.98
CA VAL D 12 17.52 2.73 -2.67
C VAL D 12 18.87 2.97 -2.02
N VAL D 13 18.96 2.73 -0.72
CA VAL D 13 20.17 3.02 0.04
C VAL D 13 20.70 1.71 0.62
N GLU D 14 22.02 1.56 0.57
CA GLU D 14 22.70 0.45 1.22
C GLU D 14 22.56 0.60 2.72
N TYR D 15 22.34 -0.51 3.40
CA TYR D 15 22.35 -0.51 4.86
C TYR D 15 23.59 0.22 5.38
N GLY D 16 23.49 0.74 6.59
CA GLY D 16 24.62 1.43 7.18
C GLY D 16 25.11 2.67 6.46
N SER D 17 24.51 2.98 5.31
CA SER D 17 24.78 4.23 4.61
C SER D 17 24.25 5.42 5.41
N ASN D 18 24.54 6.62 4.93
CA ASN D 18 23.75 7.81 5.22
C ASN D 18 22.86 8.08 4.02
N MET D 19 21.73 8.73 4.27
CA MET D 19 20.82 9.01 3.17
C MET D 19 20.27 10.42 3.33
N THR D 20 20.24 11.15 2.22
CA THR D 20 19.64 12.46 2.19
C THR D 20 18.52 12.44 1.18
N ILE D 21 17.30 12.66 1.65
CA ILE D 21 16.12 12.63 0.79
C ILE D 21 15.59 14.04 0.73
N GLU D 22 15.17 14.44 -0.45
CA GLU D 22 14.98 15.84 -0.79
C GLU D 22 13.54 16.12 -1.18
N CYS D 23 13.00 17.19 -0.63
CA CYS D 23 11.73 17.76 -1.07
C CYS D 23 11.96 19.19 -1.46
N LYS D 24 11.63 19.51 -2.71
CA LYS D 24 11.86 20.83 -3.26
C LYS D 24 10.62 21.69 -3.09
N PHE D 25 10.84 22.94 -2.74
CA PHE D 25 9.79 23.94 -2.58
C PHE D 25 10.33 25.25 -3.13
N PRO D 26 9.46 26.21 -3.45
CA PRO D 26 9.89 27.36 -4.27
C PRO D 26 10.57 28.46 -3.48
N VAL D 27 11.62 29.03 -4.09
CA VAL D 27 12.33 30.17 -3.52
C VAL D 27 12.14 31.43 -4.38
N LYS D 29 12.80 35.16 -3.67
CA LYS D 29 13.56 36.17 -2.94
C LYS D 29 14.48 35.53 -1.88
N GLN D 30 14.82 36.31 -0.86
CA GLN D 30 15.61 35.72 0.25
C GLN D 30 14.65 34.88 1.08
N LEU D 31 15.22 33.95 1.81
CA LEU D 31 14.45 33.00 2.61
C LEU D 31 13.93 33.67 3.88
N ASP D 32 12.65 33.45 4.17
CA ASP D 32 12.03 34.02 5.38
C ASP D 32 11.98 32.92 6.42
N LEU D 33 13.06 32.80 7.19
CA LEU D 33 13.14 31.74 8.19
C LEU D 33 11.98 31.80 9.18
N ALA D 34 11.43 32.99 9.45
CA ALA D 34 10.35 33.11 10.42
C ALA D 34 9.04 32.53 9.91
N ALA D 35 8.90 32.40 8.59
CA ALA D 35 7.67 31.91 7.98
C ALA D 35 7.74 30.45 7.56
N LEU D 36 8.90 29.83 7.65
CA LEU D 36 9.12 28.50 7.10
C LEU D 36 8.97 27.46 8.20
N ILE D 37 8.31 26.36 7.87
CA ILE D 37 8.16 25.21 8.74
C ILE D 37 8.32 23.98 7.88
N VAL D 38 9.30 23.16 8.18
CA VAL D 38 9.54 21.91 7.47
C VAL D 38 9.39 20.78 8.48
N TYR D 39 8.62 19.76 8.11
CA TYR D 39 8.35 18.64 8.99
C TYR D 39 8.55 17.35 8.21
N TRP D 40 9.31 16.41 8.78
CA TRP D 40 9.44 15.09 8.19
C TRP D 40 9.00 14.02 9.17
N GLU D 41 8.57 12.89 8.62
CA GLU D 41 7.83 11.91 9.40
C GLU D 41 7.93 10.58 8.68
N MET D 42 7.75 9.50 9.44
CA MET D 42 7.72 8.15 8.90
C MET D 42 7.05 7.26 9.93
N GLU D 43 6.06 6.47 9.48
CA GLU D 43 5.22 5.67 10.38
C GLU D 43 4.72 6.52 11.54
N ASP D 44 4.40 7.77 11.24
CA ASP D 44 3.79 8.70 12.20
C ASP D 44 4.72 8.96 13.38
N LYS D 45 6.03 8.98 13.13
CA LYS D 45 7.01 9.34 14.14
C LYS D 45 7.67 10.66 13.72
N ASN D 46 7.84 11.55 14.69
CA ASN D 46 8.39 12.88 14.41
C ASN D 46 9.88 12.74 14.16
N ILE D 47 10.31 12.94 12.93
CA ILE D 47 11.72 12.95 12.57
C ILE D 47 12.29 14.35 12.76
N ILE D 48 11.74 15.33 12.04
CA ILE D 48 12.28 16.69 12.00
C ILE D 48 11.16 17.68 12.12
N GLN D 49 11.27 18.60 13.08
CA GLN D 49 10.30 19.67 13.27
C GLN D 49 11.04 20.99 13.23
N PHE D 50 11.31 21.46 12.01
CA PHE D 50 12.05 22.70 11.76
C PHE D 50 11.10 23.88 11.74
N VAL D 51 10.99 24.58 12.86
CA VAL D 51 10.05 25.69 13.01
C VAL D 51 10.84 26.99 13.15
N HIS D 52 10.39 28.02 12.43
CA HIS D 52 11.00 29.34 12.30
C HIS D 52 12.46 29.37 12.72
N GLY D 53 13.32 28.80 11.89
CA GLY D 53 14.73 28.96 12.09
C GLY D 53 15.45 27.69 12.50
N GLU D 54 14.84 26.78 13.26
CA GLU D 54 15.63 25.67 13.73
C GLU D 54 14.73 24.46 14.03
N GLU D 55 15.41 23.32 14.30
CA GLU D 55 14.83 22.06 14.72
C GLU D 55 14.34 22.19 16.16
N ASP D 56 13.13 21.72 16.42
CA ASP D 56 12.65 21.45 17.77
C ASP D 56 12.81 19.95 18.01
N LEU D 57 13.70 19.60 18.92
CA LEU D 57 14.00 18.23 19.27
C LEU D 57 13.22 17.73 20.48
N LYS D 58 12.44 18.59 21.14
CA LYS D 58 11.65 18.07 22.23
C LYS D 58 10.52 17.18 21.70
N VAL D 59 10.17 17.32 20.43
CA VAL D 59 9.09 16.55 19.82
C VAL D 59 9.60 15.44 18.89
N GLN D 60 10.81 15.56 18.36
CA GLN D 60 11.47 14.46 17.64
C GLN D 60 11.35 13.15 18.39
N HIS D 61 11.16 12.05 17.65
CA HIS D 61 10.97 10.76 18.27
C HIS D 61 12.30 10.18 18.72
N SER D 62 12.23 9.33 19.75
CA SER D 62 13.43 8.77 20.35
C SER D 62 14.34 8.16 19.30
N SER D 63 13.77 7.36 18.40
CA SER D 63 14.55 6.57 17.45
C SER D 63 15.30 7.43 16.44
N TYR D 64 15.07 8.73 16.48
CA TYR D 64 15.67 9.65 15.52
C TYR D 64 16.54 10.71 16.17
N ARG D 65 16.56 10.79 17.50
CA ARG D 65 17.43 11.72 18.20
C ARG D 65 18.87 11.52 17.77
N GLN D 66 19.50 12.60 17.31
CA GLN D 66 20.91 12.65 16.95
C GLN D 66 21.24 11.74 15.76
N ARG D 67 20.22 11.31 15.02
CA ARG D 67 20.37 10.51 13.83
C ARG D 67 19.80 11.17 12.59
N ALA D 68 18.92 12.15 12.76
CA ALA D 68 18.25 12.82 11.66
C ALA D 68 18.55 14.31 11.70
N ARG D 69 18.75 14.91 10.53
CA ARG D 69 19.13 16.31 10.37
C ARG D 69 18.52 16.86 9.11
N LEU D 70 17.96 18.08 9.22
CA LEU D 70 17.62 18.90 8.06
C LEU D 70 18.80 19.80 7.74
N LEU D 71 19.39 19.60 6.55
CA LEU D 71 20.53 20.38 6.08
C LEU D 71 20.15 21.84 5.91
N LYS D 72 20.45 22.66 6.93
CA LYS D 72 20.00 24.06 6.93
C LYS D 72 20.53 24.83 5.71
N ASP D 73 21.78 24.58 5.34
CA ASP D 73 22.41 25.29 4.21
C ASP D 73 21.78 24.96 2.86
N GLN D 74 20.86 24.00 2.80
CA GLN D 74 20.18 23.70 1.54
C GLN D 74 18.77 24.29 1.47
N LEU D 75 18.25 24.81 2.58
CA LEU D 75 16.94 25.47 2.52
C LEU D 75 16.98 26.70 1.64
N SER D 76 18.14 27.37 1.58
CA SER D 76 18.27 28.56 0.75
C SER D 76 18.03 28.23 -0.72
N LEU D 77 18.32 27.00 -1.13
CA LEU D 77 18.13 26.57 -2.50
C LEU D 77 16.73 25.99 -2.76
N GLY D 78 15.76 26.26 -1.87
CA GLY D 78 14.46 25.63 -2.00
C GLY D 78 14.55 24.11 -2.04
N ASN D 79 15.28 23.53 -1.10
CA ASN D 79 15.40 22.07 -0.98
C ASN D 79 15.30 21.74 0.49
N ALA D 80 14.23 21.07 0.90
CA ALA D 80 14.18 20.50 2.25
C ALA D 80 14.83 19.14 2.17
N ALA D 81 15.99 19.00 2.79
CA ALA D 81 16.81 17.80 2.66
C ALA D 81 16.96 17.14 4.03
N LEU D 82 16.47 15.91 4.15
CA LEU D 82 16.51 15.15 5.38
C LEU D 82 17.67 14.16 5.33
N GLN D 83 18.58 14.22 6.30
CA GLN D 83 19.73 13.32 6.36
C GLN D 83 19.57 12.36 7.54
N ILE D 84 19.45 11.07 7.24
CA ILE D 84 19.43 10.02 8.24
C ILE D 84 20.77 9.30 8.18
N THR D 85 21.50 9.27 9.29
CA THR D 85 22.79 8.60 9.32
C THR D 85 22.63 7.13 9.71
N ASP D 86 23.40 6.27 9.03
CA ASP D 86 23.52 4.87 9.43
C ASP D 86 22.17 4.15 9.31
N VAL D 87 21.61 4.24 8.10
CA VAL D 87 20.27 3.71 7.86
C VAL D 87 20.20 2.22 8.14
N LYS D 88 19.15 1.83 8.83
CA LYS D 88 18.87 0.45 9.15
C LYS D 88 17.73 -0.06 8.26
N LEU D 89 17.55 -1.37 8.30
CA LEU D 89 16.44 -1.97 7.57
C LEU D 89 15.12 -1.32 7.98
N GLN D 90 14.98 -0.92 9.24
CA GLN D 90 13.73 -0.34 9.68
C GLN D 90 13.47 1.04 9.07
N ASP D 91 14.50 1.71 8.56
CA ASP D 91 14.34 3.03 7.97
C ASP D 91 13.75 2.95 6.58
N ALA D 92 13.56 1.75 6.04
CA ALA D 92 12.79 1.60 4.83
C ALA D 92 11.33 1.94 5.14
N GLY D 93 10.68 2.61 4.19
CA GLY D 93 9.28 2.94 4.33
C GLY D 93 8.96 4.22 3.57
N VAL D 94 7.88 4.85 3.99
CA VAL D 94 7.31 5.98 3.27
C VAL D 94 7.43 7.19 4.19
N TYR D 95 8.22 8.17 3.74
CA TYR D 95 8.48 9.40 4.48
C TYR D 95 7.60 10.48 3.88
N ARG D 96 7.29 11.49 4.69
CA ARG D 96 6.42 12.60 4.32
C ARG D 96 7.11 13.90 4.73
N CYS D 97 7.53 14.70 3.75
CA CYS D 97 7.88 16.10 3.97
C CYS D 97 6.57 16.89 3.88
N MET D 98 6.29 17.70 4.89
CA MET D 98 5.24 18.69 4.94
C MET D 98 5.96 20.01 5.16
N ILE D 99 5.69 21.00 4.31
CA ILE D 99 6.38 22.29 4.30
C ILE D 99 5.34 23.41 4.35
N SER D 100 5.52 24.33 5.28
CA SER D 100 4.68 25.52 5.44
C SER D 100 5.56 26.74 5.17
N TYR D 101 5.20 27.55 4.18
CA TYR D 101 6.03 28.67 3.74
C TYR D 101 5.24 29.55 2.80
N GLY D 102 4.37 30.38 3.37
CA GLY D 102 3.29 31.00 2.62
C GLY D 102 2.12 30.02 2.50
N GLY D 103 2.11 29.29 1.39
CA GLY D 103 1.26 28.12 1.24
C GLY D 103 1.84 26.89 1.94
N ALA D 104 1.16 25.77 1.70
CA ALA D 104 1.41 24.54 2.43
C ALA D 104 1.14 23.37 1.51
N ASP D 105 2.01 22.37 1.59
CA ASP D 105 1.93 21.16 0.77
C ASP D 105 2.75 20.08 1.45
N TYR D 106 2.66 18.86 0.89
CA TYR D 106 3.43 17.71 1.34
C TYR D 106 3.60 16.75 0.18
N LYS D 107 4.59 15.87 0.31
CA LYS D 107 4.79 14.79 -0.65
C LYS D 107 5.19 13.54 0.10
N ARG D 108 5.32 12.45 -0.65
CA ARG D 108 5.77 11.18 -0.12
C ARG D 108 7.05 10.73 -0.82
N ILE D 109 7.98 10.22 -0.02
CA ILE D 109 9.18 9.57 -0.54
C ILE D 109 9.24 8.17 0.06
N THR D 110 9.50 7.19 -0.77
CA THR D 110 9.65 5.81 -0.31
C THR D 110 11.12 5.46 -0.25
N VAL D 111 11.54 4.86 0.86
CA VAL D 111 12.92 4.44 1.06
C VAL D 111 12.96 2.93 1.13
N LYS D 112 13.81 2.33 0.30
CA LYS D 112 14.10 0.90 0.38
C LYS D 112 15.57 0.74 0.77
N VAL D 113 15.84 -0.19 1.67
CA VAL D 113 17.16 -0.38 2.25
C VAL D 113 17.61 -1.79 1.94
N ASN D 114 18.67 -1.91 1.12
CA ASN D 114 19.32 -3.19 0.89
C ASN D 114 20.30 -3.49 2.00
N ALA D 115 20.47 -4.78 2.27
CA ALA D 115 21.63 -5.22 3.00
C ALA D 115 22.83 -5.32 2.04
N PRO D 116 24.06 -5.50 2.57
CA PRO D 116 25.23 -5.71 1.71
C PRO D 116 25.36 -7.16 1.24
N ALA E 1 38.30 -17.33 14.68
CA ALA E 1 37.54 -18.05 13.67
C ALA E 1 36.07 -17.60 13.62
N PHE E 2 35.22 -18.53 13.20
CA PHE E 2 33.77 -18.32 13.22
C PHE E 2 33.27 -18.30 14.66
N THR E 3 32.74 -17.14 15.10
CA THR E 3 32.23 -17.03 16.46
C THR E 3 30.92 -16.25 16.45
N VAL E 4 29.95 -16.76 17.21
CA VAL E 4 28.66 -16.12 17.45
C VAL E 4 28.81 -15.20 18.65
N THR E 5 28.29 -13.99 18.53
CA THR E 5 28.29 -13.01 19.59
C THR E 5 26.84 -12.63 19.94
N VAL E 6 26.65 -12.19 21.17
CA VAL E 6 25.34 -11.73 21.63
C VAL E 6 25.49 -10.30 22.12
N PRO E 7 24.73 -9.33 21.58
CA PRO E 7 24.83 -7.97 22.12
C PRO E 7 24.33 -7.88 23.54
N LYS E 8 23.37 -8.74 23.90
CA LYS E 8 22.73 -8.75 25.20
C LYS E 8 22.58 -10.21 25.59
N ASP E 9 23.12 -10.59 26.74
CA ASP E 9 22.95 -11.97 27.17
C ASP E 9 21.89 -12.10 28.26
N LEU E 10 21.24 -11.00 28.61
CA LEU E 10 20.09 -11.03 29.51
C LEU E 10 19.01 -10.13 28.95
N TYR E 11 17.80 -10.67 28.86
CA TYR E 11 16.64 -9.92 28.41
C TYR E 11 15.59 -10.03 29.51
N VAL E 12 15.25 -8.89 30.12
CA VAL E 12 14.05 -8.78 30.94
C VAL E 12 12.94 -8.33 30.01
N VAL E 13 11.86 -9.09 29.96
CA VAL E 13 10.73 -8.71 29.12
C VAL E 13 9.47 -8.72 29.97
N GLU E 14 8.52 -7.89 29.56
CA GLU E 14 7.21 -7.86 30.20
C GLU E 14 6.37 -9.01 29.70
N TYR E 15 5.54 -9.54 30.58
CA TYR E 15 4.56 -10.51 30.13
C TYR E 15 3.65 -9.87 29.09
N GLY E 16 3.39 -10.61 28.01
CA GLY E 16 2.56 -10.15 26.94
C GLY E 16 3.31 -9.45 25.82
N SER E 17 4.43 -8.80 26.11
CA SER E 17 5.22 -8.16 25.09
C SER E 17 5.70 -9.17 24.07
N ASN E 18 6.31 -8.68 23.00
CA ASN E 18 7.10 -9.54 22.16
C ASN E 18 8.57 -9.37 22.57
N MET E 19 9.39 -10.33 22.19
CA MET E 19 10.80 -10.12 22.46
C MET E 19 11.63 -10.62 21.30
N THR E 20 12.67 -9.88 20.97
CA THR E 20 13.60 -10.28 19.92
C THR E 20 15.00 -10.37 20.54
N ILE E 21 15.44 -11.61 20.78
CA ILE E 21 16.81 -11.86 21.25
C ILE E 21 17.65 -12.17 20.02
N GLU E 22 18.91 -11.77 20.07
CA GLU E 22 19.74 -11.76 18.87
C GLU E 22 21.03 -12.55 19.06
N CYS E 23 21.43 -13.26 18.02
CA CYS E 23 22.78 -13.79 17.91
C CYS E 23 23.38 -13.34 16.61
N LYS E 24 24.62 -12.90 16.69
CA LYS E 24 25.30 -12.26 15.57
C LYS E 24 26.35 -13.22 15.07
N PHE E 25 26.43 -13.36 13.76
CA PHE E 25 27.49 -14.13 13.15
C PHE E 25 28.02 -13.32 11.98
N PRO E 26 29.28 -13.50 11.60
CA PRO E 26 29.89 -12.62 10.62
C PRO E 26 29.39 -12.89 9.21
N VAL E 27 29.24 -11.83 8.42
CA VAL E 27 28.82 -11.95 7.02
C VAL E 27 29.59 -10.94 6.17
N GLU E 28 30.66 -11.39 5.51
CA GLU E 28 31.43 -10.48 4.65
C GLU E 28 30.72 -10.27 3.31
N LYS E 29 30.65 -11.30 2.50
CA LYS E 29 30.03 -11.24 1.20
C LYS E 29 28.59 -11.75 1.27
N GLN E 30 27.96 -11.91 0.11
CA GLN E 30 26.54 -12.31 0.01
C GLN E 30 26.23 -13.56 0.84
N LEU E 31 25.10 -13.56 1.52
CA LEU E 31 24.70 -14.68 2.36
C LEU E 31 24.22 -15.85 1.51
N ASP E 32 24.64 -17.06 1.89
CA ASP E 32 24.36 -18.30 1.17
C ASP E 32 23.41 -19.13 2.04
N LEU E 33 22.11 -18.97 1.81
CA LEU E 33 21.11 -19.53 2.72
C LEU E 33 21.16 -21.05 2.77
N ALA E 34 21.35 -21.73 1.62
CA ALA E 34 21.38 -23.19 1.64
C ALA E 34 22.57 -23.74 2.41
N ALA E 35 23.57 -22.90 2.66
CA ALA E 35 24.75 -23.27 3.42
C ALA E 35 24.65 -22.86 4.87
N LEU E 36 23.56 -22.20 5.25
CA LEU E 36 23.41 -21.66 6.60
C LEU E 36 22.43 -22.51 7.38
N ILE E 37 22.81 -22.86 8.61
CA ILE E 37 21.90 -23.50 9.55
C ILE E 37 21.82 -22.59 10.78
N VAL E 38 20.60 -22.33 11.21
CA VAL E 38 20.33 -21.60 12.44
C VAL E 38 19.38 -22.45 13.22
N TYR E 39 19.68 -22.64 14.49
CA TYR E 39 18.86 -23.46 15.34
C TYR E 39 18.75 -22.75 16.67
N TRP E 40 17.54 -22.59 17.14
CA TRP E 40 17.28 -21.93 18.41
C TRP E 40 16.58 -22.95 19.27
N GLU E 41 16.99 -23.05 20.54
CA GLU E 41 16.22 -23.87 21.45
C GLU E 41 16.13 -23.17 22.79
N MET E 42 15.35 -23.76 23.67
CA MET E 42 15.38 -23.41 25.08
C MET E 42 14.93 -24.66 25.82
N GLU E 43 15.75 -25.10 26.78
CA GLU E 43 15.47 -26.31 27.53
C GLU E 43 15.18 -27.49 26.58
N ASP E 44 16.03 -27.62 25.57
CA ASP E 44 15.94 -28.71 24.58
C ASP E 44 14.61 -28.74 23.80
N LYS E 45 13.78 -27.69 23.85
CA LYS E 45 12.59 -27.60 22.99
C LYS E 45 13.00 -26.95 21.68
N ASN E 46 12.75 -27.63 20.56
CA ASN E 46 13.10 -27.05 19.28
C ASN E 46 12.17 -25.87 18.94
N ILE E 47 12.77 -24.67 18.74
CA ILE E 47 12.01 -23.45 18.49
C ILE E 47 12.08 -23.13 17.01
N ILE E 48 13.31 -22.95 16.51
CA ILE E 48 13.57 -22.63 15.12
C ILE E 48 14.61 -23.61 14.63
N GLN E 49 14.39 -24.16 13.44
CA GLN E 49 15.40 -24.98 12.78
C GLN E 49 15.42 -24.52 11.34
N PHE E 50 16.38 -23.68 11.00
CA PHE E 50 16.39 -22.99 9.71
C PHE E 50 17.52 -23.59 8.88
N VAL E 51 17.24 -24.73 8.25
CA VAL E 51 18.19 -25.45 7.40
C VAL E 51 17.97 -25.01 5.96
N HIS E 52 19.09 -24.74 5.26
CA HIS E 52 19.11 -24.45 3.83
C HIS E 52 17.93 -23.60 3.36
N GLY E 53 17.74 -22.45 4.02
CA GLY E 53 16.78 -21.47 3.57
C GLY E 53 15.40 -21.57 4.17
N GLU E 54 15.09 -22.68 4.85
CA GLU E 54 13.71 -23.01 5.21
C GLU E 54 13.58 -23.40 6.68
N GLU E 55 12.60 -22.79 7.37
CA GLU E 55 12.20 -23.28 8.68
C GLU E 55 11.50 -24.61 8.53
N ASP E 56 11.91 -25.60 9.31
CA ASP E 56 11.31 -26.93 9.32
C ASP E 56 10.43 -27.00 10.57
N LEU E 57 9.13 -26.81 10.39
CA LEU E 57 8.20 -26.79 11.51
C LEU E 57 7.57 -28.14 11.76
N LYS E 58 8.06 -29.17 11.06
CA LYS E 58 7.70 -30.53 11.41
C LYS E 58 8.29 -30.89 12.77
N VAL E 59 9.50 -30.41 13.02
CA VAL E 59 10.19 -30.72 14.26
C VAL E 59 9.87 -29.74 15.39
N GLN E 60 9.28 -28.58 15.06
CA GLN E 60 9.16 -27.50 16.02
C GLN E 60 8.27 -27.90 17.18
N HIS E 61 8.57 -27.39 18.36
CA HIS E 61 7.86 -27.87 19.54
C HIS E 61 6.46 -27.29 19.59
N SER E 62 5.52 -28.12 20.01
CA SER E 62 4.16 -27.71 20.36
C SER E 62 4.06 -26.26 20.82
N SER E 63 4.90 -25.85 21.79
CA SER E 63 4.66 -24.56 22.44
C SER E 63 4.88 -23.37 21.50
N TYR E 64 5.59 -23.56 20.39
CA TYR E 64 6.08 -22.48 19.55
C TYR E 64 5.39 -22.42 18.20
N ARG E 65 4.48 -23.37 17.92
CA ARG E 65 3.54 -23.26 16.82
C ARG E 65 3.07 -21.82 16.66
N GLN E 66 3.45 -21.21 15.54
CA GLN E 66 2.91 -19.89 15.12
C GLN E 66 3.06 -18.81 16.19
N ARG E 67 4.19 -18.83 16.88
CA ARG E 67 4.45 -17.75 17.83
C ARG E 67 5.93 -17.43 17.87
N ALA E 68 6.66 -17.79 16.83
CA ALA E 68 8.10 -17.65 16.82
C ALA E 68 8.51 -17.41 15.39
N ARG E 69 9.36 -16.42 15.18
CA ARG E 69 9.87 -16.18 13.84
C ARG E 69 11.35 -15.89 13.96
N LEU E 70 12.07 -16.13 12.87
CA LEU E 70 13.45 -15.73 12.71
C LEU E 70 13.49 -14.68 11.62
N LEU E 71 13.95 -13.48 11.97
CA LEU E 71 13.84 -12.34 11.07
C LEU E 71 14.79 -12.52 9.91
N LYS E 72 14.23 -13.00 8.80
CA LYS E 72 15.00 -13.37 7.62
C LYS E 72 15.77 -12.18 7.04
N ASP E 73 15.24 -10.96 7.14
CA ASP E 73 15.97 -9.83 6.59
C ASP E 73 17.21 -9.51 7.41
N GLN E 74 17.20 -9.85 8.69
CA GLN E 74 18.32 -9.55 9.56
C GLN E 74 19.51 -10.44 9.24
N LEU E 75 19.26 -11.71 8.91
CA LEU E 75 20.28 -12.67 8.48
C LEU E 75 21.27 -12.07 7.51
N SER E 76 20.76 -11.27 6.57
CA SER E 76 21.62 -10.55 5.64
C SER E 76 22.68 -9.75 6.37
N LEU E 77 22.30 -9.13 7.49
CA LEU E 77 23.22 -8.28 8.24
C LEU E 77 24.06 -9.07 9.24
N GLY E 78 24.23 -10.36 9.03
CA GLY E 78 24.65 -11.22 10.13
C GLY E 78 23.42 -11.44 10.99
N ASN E 79 23.55 -11.41 12.32
CA ASN E 79 22.37 -11.31 13.18
C ASN E 79 21.22 -12.27 12.90
N ALA E 80 21.22 -13.42 13.58
CA ALA E 80 20.05 -14.25 13.70
C ALA E 80 19.20 -13.68 14.83
N ALA E 81 17.97 -13.29 14.51
CA ALA E 81 17.08 -12.63 15.45
C ALA E 81 15.89 -13.53 15.67
N LEU E 82 15.68 -13.94 16.90
CA LEU E 82 14.55 -14.78 17.23
C LEU E 82 13.47 -13.90 17.84
N GLN E 83 12.28 -13.95 17.26
CA GLN E 83 11.14 -13.19 17.75
C GLN E 83 10.12 -14.16 18.31
N ILE E 84 9.78 -13.98 19.58
CA ILE E 84 8.70 -14.71 20.22
C ILE E 84 7.59 -13.72 20.51
N THR E 85 6.39 -13.95 19.98
CA THR E 85 5.27 -13.05 20.18
C THR E 85 4.41 -13.54 21.34
N ASP E 86 3.85 -12.59 22.08
CA ASP E 86 3.08 -12.87 23.31
C ASP E 86 3.91 -13.73 24.29
N VAL E 87 4.89 -13.07 24.90
CA VAL E 87 5.77 -13.76 25.80
C VAL E 87 5.00 -14.18 27.05
N LYS E 88 5.07 -15.48 27.38
CA LYS E 88 4.49 -16.06 28.59
C LYS E 88 5.56 -16.20 29.68
N LEU E 89 5.08 -16.50 30.90
CA LEU E 89 6.02 -16.74 31.99
C LEU E 89 6.88 -17.95 31.71
N GLN E 90 6.29 -19.00 31.13
CA GLN E 90 7.01 -20.21 30.70
C GLN E 90 8.09 -19.92 29.67
N ASP E 91 8.13 -18.73 29.10
CA ASP E 91 9.20 -18.42 28.17
C ASP E 91 10.48 -17.99 28.88
N ALA E 92 10.46 -17.82 30.20
CA ALA E 92 11.70 -17.46 30.89
C ALA E 92 12.64 -18.66 30.95
N GLY E 93 13.93 -18.38 30.98
CA GLY E 93 14.88 -19.47 30.99
C GLY E 93 16.03 -19.21 30.03
N VAL E 94 16.71 -20.29 29.66
CA VAL E 94 17.97 -20.19 28.96
C VAL E 94 17.77 -20.66 27.54
N TYR E 95 18.13 -19.81 26.60
CA TYR E 95 17.96 -20.06 25.18
C TYR E 95 19.33 -20.28 24.56
N ARG E 96 19.36 -21.11 23.54
CA ARG E 96 20.61 -21.35 22.83
C ARG E 96 20.42 -21.09 21.35
N CYS E 97 21.21 -20.21 20.79
CA CYS E 97 21.27 -20.08 19.34
C CYS E 97 22.47 -20.88 18.85
N MET E 98 22.25 -21.81 17.93
CA MET E 98 23.35 -22.56 17.34
C MET E 98 23.40 -22.18 15.87
N ILE E 99 24.56 -21.69 15.42
CA ILE E 99 24.71 -21.27 14.05
C ILE E 99 25.90 -21.99 13.44
N SER E 100 25.66 -22.64 12.31
CA SER E 100 26.69 -23.13 11.44
C SER E 100 26.58 -22.39 10.12
N TYR E 101 27.67 -21.73 9.74
CA TYR E 101 27.78 -21.08 8.44
C TYR E 101 29.26 -21.01 8.11
N GLY E 102 29.79 -22.09 7.52
CA GLY E 102 31.22 -22.26 7.33
C GLY E 102 32.01 -22.06 8.62
N GLY E 103 31.81 -22.95 9.58
CA GLY E 103 32.23 -22.73 10.95
C GLY E 103 31.02 -22.78 11.84
N ALA E 104 31.19 -23.12 13.12
CA ALA E 104 30.05 -23.35 13.98
C ALA E 104 30.34 -22.77 15.34
N ASP E 105 29.27 -22.38 16.03
CA ASP E 105 29.37 -21.89 17.38
C ASP E 105 27.96 -21.80 17.94
N TYR E 106 27.89 -21.53 19.24
CA TYR E 106 26.62 -21.37 19.90
C TYR E 106 26.81 -20.48 21.12
N LYS E 107 25.77 -19.72 21.44
CA LYS E 107 25.79 -18.89 22.63
C LYS E 107 24.55 -19.16 23.45
N ARG E 108 24.60 -18.73 24.71
CA ARG E 108 23.47 -18.85 25.61
C ARG E 108 22.88 -17.46 25.82
N ILE E 109 21.54 -17.35 25.85
CA ILE E 109 20.87 -16.11 26.23
C ILE E 109 19.82 -16.43 27.29
N THR E 110 19.75 -15.59 28.32
CA THR E 110 18.81 -15.79 29.42
C THR E 110 17.72 -14.72 29.35
N VAL E 111 16.46 -15.16 29.46
CA VAL E 111 15.28 -14.31 29.37
C VAL E 111 14.53 -14.41 30.68
N LYS E 112 14.24 -13.25 31.29
CA LYS E 112 13.47 -13.17 32.52
C LYS E 112 12.20 -12.39 32.24
N VAL E 113 11.06 -12.99 32.58
CA VAL E 113 9.75 -12.42 32.27
C VAL E 113 9.13 -11.86 33.53
N ASN E 114 8.82 -10.57 33.50
CA ASN E 114 8.01 -9.97 34.56
C ASN E 114 6.53 -10.26 34.33
N ALA E 115 5.85 -10.62 35.41
CA ALA E 115 4.40 -10.61 35.46
C ALA E 115 3.92 -9.16 35.48
N PRO E 116 2.60 -8.93 35.28
CA PRO E 116 1.99 -7.61 35.50
C PRO E 116 1.78 -7.29 36.98
N ALA F 1 32.31 4.14 -25.70
CA ALA F 1 31.27 3.24 -26.22
C ALA F 1 29.92 3.95 -26.55
N PHE F 2 28.80 3.22 -26.37
CA PHE F 2 27.48 3.70 -26.76
C PHE F 2 26.51 3.51 -25.59
N THR F 3 26.02 4.62 -25.04
CA THR F 3 25.06 4.57 -23.96
C THR F 3 23.72 5.09 -24.46
N VAL F 4 22.64 4.44 -24.03
CA VAL F 4 21.30 4.95 -24.21
C VAL F 4 20.93 5.68 -22.93
N THR F 5 20.51 6.94 -23.05
CA THR F 5 20.29 7.76 -21.88
C THR F 5 18.83 8.20 -21.80
N VAL F 6 18.42 8.54 -20.58
CA VAL F 6 16.99 8.71 -20.29
C VAL F 6 16.78 9.97 -19.47
N PRO F 7 16.19 11.02 -20.04
CA PRO F 7 16.15 12.32 -19.35
C PRO F 7 15.44 12.24 -18.01
N LYS F 8 14.37 11.49 -17.93
CA LYS F 8 13.81 11.18 -16.63
C LYS F 8 13.47 9.70 -16.64
N ASP F 9 13.77 9.02 -15.54
CA ASP F 9 13.46 7.61 -15.44
C ASP F 9 12.25 7.33 -14.58
N LEU F 10 11.58 8.38 -14.07
CA LEU F 10 10.28 8.23 -13.43
C LEU F 10 9.31 9.19 -14.07
N TYR F 11 8.20 8.67 -14.59
CA TYR F 11 7.09 9.50 -15.03
C TYR F 11 5.90 9.19 -14.14
N VAL F 12 5.26 10.24 -13.60
CA VAL F 12 3.99 10.12 -12.91
C VAL F 12 2.95 10.76 -13.81
N VAL F 13 1.93 10.01 -14.15
CA VAL F 13 0.99 10.43 -15.18
C VAL F 13 -0.41 10.31 -14.62
N GLU F 14 -1.31 11.17 -15.10
CA GLU F 14 -2.70 11.13 -14.65
C GLU F 14 -3.46 10.07 -15.41
N TYR F 15 -4.43 9.45 -14.74
CA TYR F 15 -5.20 8.39 -15.38
C TYR F 15 -5.85 8.94 -16.65
N GLY F 16 -5.77 8.16 -17.72
CA GLY F 16 -6.39 8.53 -18.97
C GLY F 16 -5.64 9.57 -19.76
N SER F 17 -4.56 10.13 -19.21
CA SER F 17 -3.77 11.05 -20.01
C SER F 17 -3.00 10.26 -21.08
N ASN F 18 -2.23 11.00 -21.85
CA ASN F 18 -1.27 10.42 -22.76
C ASN F 18 0.11 10.61 -22.15
N MET F 19 0.97 9.63 -22.38
CA MET F 19 2.35 9.75 -21.93
C MET F 19 3.31 9.42 -23.05
N THR F 20 4.25 10.31 -23.26
CA THR F 20 5.39 10.12 -24.13
C THR F 20 6.61 9.89 -23.23
N ILE F 21 7.11 8.67 -23.17
CA ILE F 21 8.35 8.42 -22.45
C ILE F 21 9.48 8.33 -23.48
N GLU F 22 10.62 8.92 -23.15
CA GLU F 22 11.65 9.15 -24.14
C GLU F 22 12.92 8.37 -23.82
N CYS F 23 13.55 7.85 -24.88
CA CYS F 23 14.89 7.28 -24.80
C CYS F 23 15.77 7.96 -25.82
N LYS F 24 16.92 8.43 -25.37
CA LYS F 24 17.83 9.20 -26.20
C LYS F 24 19.03 8.34 -26.55
N PHE F 25 19.40 8.35 -27.82
CA PHE F 25 20.60 7.67 -28.27
C PHE F 25 21.46 8.59 -29.11
N PRO F 26 22.76 8.31 -29.18
CA PRO F 26 23.66 9.19 -29.92
C PRO F 26 23.42 9.11 -31.43
N VAL F 27 23.53 10.27 -32.09
CA VAL F 27 23.42 10.37 -33.55
C VAL F 27 24.45 11.39 -34.02
N GLU F 28 25.37 10.95 -34.91
CA GLU F 28 26.34 11.86 -35.51
C GLU F 28 25.76 12.54 -36.75
N LYS F 29 25.57 11.79 -37.85
CA LYS F 29 25.10 12.38 -39.11
C LYS F 29 23.58 12.32 -39.26
N GLN F 30 23.08 11.51 -40.18
CA GLN F 30 21.60 11.46 -40.31
C GLN F 30 21.08 10.30 -39.47
N LEU F 31 20.22 9.48 -40.04
CA LEU F 31 19.89 8.28 -39.27
C LEU F 31 19.82 7.08 -40.22
N ASP F 32 20.70 6.10 -39.95
CA ASP F 32 20.69 4.83 -40.67
C ASP F 32 19.47 4.05 -40.24
N LEU F 33 18.36 4.24 -40.95
CA LEU F 33 17.14 3.49 -40.65
C LEU F 33 17.45 1.99 -40.60
N ALA F 34 17.97 1.43 -41.69
CA ALA F 34 18.31 0.00 -41.70
C ALA F 34 19.09 -0.45 -40.46
N ALA F 35 19.99 0.39 -39.90
CA ALA F 35 20.91 0.01 -38.82
C ALA F 35 20.39 0.31 -37.42
N LEU F 36 19.14 0.74 -37.29
CA LEU F 36 18.52 1.08 -36.00
C LEU F 36 17.38 0.12 -35.73
N ILE F 37 17.50 -0.63 -34.64
CA ILE F 37 16.41 -1.42 -34.10
C ILE F 37 15.95 -0.74 -32.82
N VAL F 38 14.64 -0.59 -32.66
CA VAL F 38 14.05 -0.07 -31.44
C VAL F 38 12.94 -1.02 -31.01
N TYR F 39 12.95 -1.38 -29.72
CA TYR F 39 12.01 -2.33 -29.16
C TYR F 39 11.58 -1.82 -27.80
N TRP F 40 10.29 -1.59 -27.61
CA TRP F 40 9.76 -1.17 -26.32
C TRP F 40 9.01 -2.33 -25.71
N GLU F 41 8.95 -2.35 -24.38
CA GLU F 41 8.47 -3.50 -23.66
C GLU F 41 7.97 -3.06 -22.31
N MET F 42 7.11 -3.87 -21.72
CA MET F 42 6.82 -3.71 -20.30
C MET F 42 6.44 -5.07 -19.76
N GLU F 43 7.02 -5.45 -18.63
CA GLU F 43 6.79 -6.76 -18.04
C GLU F 43 6.79 -7.84 -19.11
N ASP F 44 7.78 -7.76 -19.98
CA ASP F 44 7.99 -8.76 -21.05
C ASP F 44 6.86 -8.77 -22.09
N LYS F 45 5.99 -7.76 -22.08
CA LYS F 45 4.96 -7.62 -23.12
C LYS F 45 5.49 -6.72 -24.23
N ASN F 46 5.50 -7.21 -25.45
CA ASN F 46 6.05 -6.46 -26.58
C ASN F 46 5.12 -5.29 -26.94
N ILE F 47 5.57 -4.06 -26.74
CA ILE F 47 4.79 -2.87 -27.10
C ILE F 47 5.12 -2.39 -28.51
N ILE F 48 6.41 -2.35 -28.85
CA ILE F 48 6.85 -1.85 -30.15
C ILE F 48 8.09 -2.58 -30.57
N GLN F 49 8.11 -3.05 -31.83
CA GLN F 49 9.29 -3.68 -32.45
C GLN F 49 9.59 -2.93 -33.76
N PHE F 50 10.50 -1.97 -33.70
CA PHE F 50 10.87 -1.15 -34.85
C PHE F 50 12.13 -1.74 -35.50
N VAL F 51 12.00 -2.24 -36.74
CA VAL F 51 13.03 -3.02 -37.42
C VAL F 51 13.27 -2.44 -38.81
N HIS F 52 14.55 -2.40 -39.23
CA HIS F 52 15.01 -1.65 -40.42
C HIS F 52 14.46 -0.24 -40.30
N GLY F 53 13.67 0.26 -41.23
CA GLY F 53 12.88 1.46 -41.02
C GLY F 53 11.40 1.26 -40.75
N GLU F 54 10.92 0.03 -40.57
CA GLU F 54 9.48 -0.22 -40.40
C GLU F 54 9.16 -0.91 -39.07
N GLU F 55 7.89 -0.81 -38.68
CA GLU F 55 7.37 -1.36 -37.42
C GLU F 55 6.71 -2.71 -37.66
N ASP F 56 6.74 -3.59 -36.64
CA ASP F 56 6.07 -4.89 -36.68
C ASP F 56 5.01 -4.95 -35.58
N LEU F 57 3.74 -5.12 -35.99
CA LEU F 57 2.63 -5.23 -35.05
C LEU F 57 2.09 -6.64 -34.91
N LYS F 58 2.58 -7.59 -35.69
CA LYS F 58 2.22 -8.99 -35.46
C LYS F 58 2.62 -9.42 -34.05
N VAL F 59 3.86 -9.12 -33.66
CA VAL F 59 4.34 -9.47 -32.33
C VAL F 59 3.71 -8.66 -31.20
N GLN F 60 3.04 -7.55 -31.50
CA GLN F 60 2.66 -6.59 -30.46
C GLN F 60 1.58 -7.18 -29.55
N HIS F 61 1.78 -7.01 -28.24
CA HIS F 61 0.85 -7.58 -27.28
C HIS F 61 -0.54 -6.98 -27.40
N SER F 62 -1.55 -7.82 -27.19
CA SER F 62 -2.96 -7.42 -27.23
C SER F 62 -3.22 -6.08 -26.57
N SER F 63 -2.78 -5.96 -25.30
CA SER F 63 -3.05 -4.81 -24.43
C SER F 63 -2.59 -3.48 -24.99
N TYR F 64 -1.78 -3.48 -26.04
CA TYR F 64 -1.24 -2.25 -26.61
C TYR F 64 -1.76 -2.00 -28.03
N ARG F 65 -2.75 -2.78 -28.46
CA ARG F 65 -3.32 -2.62 -29.80
C ARG F 65 -3.90 -1.22 -29.96
N GLN F 66 -3.37 -0.46 -30.92
CA GLN F 66 -3.82 0.89 -31.20
C GLN F 66 -3.83 1.77 -29.96
N ARG F 67 -2.80 1.63 -29.13
CA ARG F 67 -2.65 2.51 -27.97
C ARG F 67 -1.24 3.02 -27.83
N ALA F 68 -0.39 2.78 -28.82
CA ALA F 68 1.02 3.04 -28.65
C ALA F 68 1.58 3.50 -29.97
N ARG F 69 2.53 4.42 -29.92
CA ARG F 69 3.16 4.89 -31.15
C ARG F 69 4.63 5.19 -30.88
N LEU F 70 5.46 4.88 -31.87
CA LEU F 70 6.81 5.42 -31.94
C LEU F 70 6.76 6.61 -32.90
N LEU F 71 6.91 7.80 -32.36
CA LEU F 71 6.78 9.00 -33.18
C LEU F 71 7.97 9.01 -34.13
N LYS F 72 7.73 8.62 -35.39
CA LYS F 72 8.83 8.42 -36.35
C LYS F 72 9.72 9.65 -36.48
N ASP F 73 9.13 10.85 -36.60
CA ASP F 73 9.95 12.04 -36.77
C ASP F 73 10.94 12.27 -35.61
N GLN F 74 10.64 11.76 -34.39
CA GLN F 74 11.55 12.01 -33.27
C GLN F 74 12.83 11.18 -33.38
N LEU F 75 12.78 10.06 -34.09
CA LEU F 75 13.98 9.23 -34.21
C LEU F 75 15.12 10.01 -34.86
N SER F 76 14.79 10.80 -35.87
CA SER F 76 15.80 11.58 -36.58
C SER F 76 16.64 12.42 -35.65
N LEU F 77 16.20 12.63 -34.41
CA LEU F 77 16.93 13.44 -33.44
C LEU F 77 17.45 12.58 -32.28
N GLY F 78 17.74 11.32 -32.56
CA GLY F 78 18.17 10.39 -31.52
C GLY F 78 17.20 10.23 -30.37
N ASN F 79 15.91 10.20 -30.65
CA ASN F 79 14.90 10.12 -29.60
C ASN F 79 13.93 9.00 -29.92
N ALA F 80 13.96 7.95 -29.11
CA ALA F 80 13.00 6.85 -29.25
C ALA F 80 11.58 7.39 -29.15
N ALA F 81 11.15 7.70 -27.92
CA ALA F 81 9.83 8.29 -27.61
C ALA F 81 8.66 7.34 -27.84
N LEU F 82 8.15 6.77 -26.76
CA LEU F 82 6.97 5.91 -26.82
C LEU F 82 5.77 6.70 -26.34
N GLN F 83 4.69 6.68 -27.12
CA GLN F 83 3.48 7.41 -26.76
C GLN F 83 2.37 6.39 -26.47
N ILE F 84 1.84 6.44 -25.26
CA ILE F 84 0.80 5.53 -24.83
C ILE F 84 -0.45 6.37 -24.58
N THR F 85 -1.49 6.07 -25.33
CA THR F 85 -2.69 6.88 -25.24
C THR F 85 -3.59 6.28 -24.17
N ASP F 86 -4.11 7.15 -23.32
CA ASP F 86 -5.16 6.75 -22.37
C ASP F 86 -4.55 5.80 -21.35
N VAL F 87 -3.73 6.36 -20.47
CA VAL F 87 -2.90 5.60 -19.55
C VAL F 87 -3.80 5.00 -18.48
N LYS F 88 -3.88 3.68 -18.42
CA LYS F 88 -4.68 2.97 -17.44
C LYS F 88 -3.83 2.54 -16.25
N LEU F 89 -4.49 1.99 -15.24
CA LEU F 89 -3.74 1.56 -14.04
C LEU F 89 -2.76 0.45 -14.38
N GLN F 90 -3.18 -0.48 -15.23
CA GLN F 90 -2.30 -1.56 -15.66
C GLN F 90 -1.00 -1.06 -16.29
N ASP F 91 -0.93 0.20 -16.72
CA ASP F 91 0.23 0.73 -17.39
C ASP F 91 1.34 1.16 -16.43
N ALA F 92 1.13 1.06 -15.12
CA ALA F 92 2.16 1.44 -14.17
C ALA F 92 3.23 0.36 -14.07
N GLY F 93 4.50 0.75 -14.13
CA GLY F 93 5.53 -0.27 -13.98
C GLY F 93 6.84 0.15 -14.61
N VAL F 94 7.60 -0.86 -15.04
CA VAL F 94 8.95 -0.64 -15.56
C VAL F 94 8.89 -0.92 -17.05
N TYR F 95 9.27 0.09 -17.83
CA TYR F 95 9.30 0.03 -19.28
C TYR F 95 10.74 -0.06 -19.74
N ARG F 96 11.00 -0.91 -20.73
CA ARG F 96 12.34 -1.06 -21.26
C ARG F 96 12.36 -0.53 -22.69
N CYS F 97 13.28 0.37 -22.99
CA CYS F 97 13.57 0.71 -24.38
C CYS F 97 14.93 0.11 -24.71
N MET F 98 14.97 -0.72 -25.74
CA MET F 98 16.17 -1.44 -26.13
C MET F 98 16.46 -0.97 -27.54
N ILE F 99 17.65 -0.43 -27.75
CA ILE F 99 18.03 0.14 -29.03
C ILE F 99 19.30 -0.51 -29.51
N SER F 100 19.31 -0.90 -30.77
CA SER F 100 20.53 -1.23 -31.49
C SER F 100 20.72 -0.19 -32.59
N TYR F 101 21.79 0.59 -32.46
CA TYR F 101 22.19 1.53 -33.50
C TYR F 101 23.71 1.60 -33.40
N GLY F 102 24.38 0.82 -34.26
CA GLY F 102 25.76 0.49 -34.02
C GLY F 102 25.82 -0.41 -32.81
N GLY F 103 26.22 0.15 -31.67
CA GLY F 103 26.22 -0.54 -30.40
C GLY F 103 24.84 -0.95 -29.94
N ALA F 104 24.72 -1.20 -28.64
CA ALA F 104 23.40 -1.54 -28.13
C ALA F 104 23.41 -1.30 -26.64
N ASP F 105 22.24 -0.95 -26.14
CA ASP F 105 22.02 -0.66 -24.73
C ASP F 105 20.49 -0.67 -24.56
N TYR F 106 20.06 -0.46 -23.34
CA TYR F 106 18.65 -0.44 -23.01
C TYR F 106 18.57 0.26 -21.67
N LYS F 107 17.49 1.01 -21.45
CA LYS F 107 17.30 1.63 -20.16
C LYS F 107 15.93 1.26 -19.63
N ARG F 108 15.77 1.48 -18.34
CA ARG F 108 14.55 1.17 -17.59
C ARG F 108 13.85 2.48 -17.23
N ILE F 109 12.59 2.62 -17.64
CA ILE F 109 11.74 3.75 -17.23
C ILE F 109 10.60 3.21 -16.38
N THR F 110 10.33 3.90 -15.27
CA THR F 110 9.28 3.57 -14.33
C THR F 110 8.11 4.55 -14.52
N VAL F 111 6.90 4.01 -14.58
CA VAL F 111 5.70 4.80 -14.82
C VAL F 111 4.74 4.56 -13.67
N LYS F 112 4.42 5.63 -12.95
CA LYS F 112 3.37 5.62 -11.94
C LYS F 112 2.14 6.33 -12.51
N VAL F 113 0.99 5.69 -12.41
CA VAL F 113 -0.27 6.22 -12.91
C VAL F 113 -1.13 6.60 -11.71
N ASN F 114 -1.56 7.86 -11.67
CA ASN F 114 -2.42 8.32 -10.58
C ASN F 114 -3.84 7.81 -10.81
N ALA F 115 -4.57 7.67 -9.71
CA ALA F 115 -5.88 7.01 -9.75
C ALA F 115 -6.93 7.86 -10.48
#